data_8CZE
#
_entry.id   8CZE
#
_cell.length_a   1.00
_cell.length_b   1.00
_cell.length_c   1.00
_cell.angle_alpha   90.00
_cell.angle_beta   90.00
_cell.angle_gamma   90.00
#
_symmetry.space_group_name_H-M   'P 1'
#
loop_
_entity.id
_entity.type
_entity.pdbx_description
1 polymer 'Histone H3'
2 polymer 'Histone H4'
3 polymer 'Histone H2A'
4 polymer 'Histone H2B'
5 polymer 'Widom 601 DNA (146-MER)'
6 polymer 'Widom 601 DNA (146-MER)'
#
loop_
_entity_poly.entity_id
_entity_poly.type
_entity_poly.pdbx_seq_one_letter_code
_entity_poly.pdbx_strand_id
1 'polypeptide(L)'
;ARTKQTARKSTGGKAPRKQLATKAARKSAPATGGVKKPHRYRPGTVALREIRRYQKSTELLIRKLPFQRLVREIAQDFKT
DLRFQSSAVMALQEASEAYLVALFEDTNLCAIHAKRVTIMPKDIQLARRIRGERA
;
A,E
2 'polypeptide(L)'
;SGRGKGGKGLGKGGAKRHRKVLRDNIQGITKPAIRRLARRGGVKRISGLIYEETRGVLKVFLENVIRDAVTYTEHAKRKT
VTAMDVVYALKRQGRTLYGFGG
;
B,F
3 'polypeptide(L)'
;SGRGKQGGKTRAKAKTRSSRAGLQFPVGRVHRLLRKGNYAERVGAGAPVYLAAVLEYLTAEILELAGNAARDNKKTRIIP
RHLQLAVRNDEELNKLLGRVTIAQGGVLPNIQSVLLPKKTESSKSAKSK
;
C,G
4 'polypeptide(L)'
;AKSAPAPKKGSKKAVTKTQKKDGKKRRKTRKESYAIYVYKVLKQVHPDTGISSKAMSIMNSFVNDVFERIAGEASRLAHY
NKRSTITSREIQTAVRLLLPGELAKHAVSEGTKAVTKYTSAK
;
D,H
5 'polydeoxyribonucleotide'
;(DA)(DC)(DA)(DG)(DG)(DA)(DT)(DG)(DT)(DA)(DT)(DA)(DT)(DA)(DT)(DC)(DT)(DG)(DA)(DC)
(DA)(DC)(DG)(DT)(DG)(DC)(DC)(DT)(DG)(DG)(DA)(DG)(DA)(DC)(DT)(DA)(DG)(DG)(DG)(DA)
(DG)(DT)(DA)(DA)(DT)(DC)(DC)(DC)(DC)(DT)(DT)(DG)(DG)(DC)(DG)(DG)(DT)(DT)(DA)(DA)
(DA)(DA)(DC)(DG)(DC)(DG)(DG)(DG)(DG)(DG)(DA)(DC)(DA)(DG)(DC)(DG)(DC)(DG)(DT)(DA)
(DC)(DG)(DT)(DG)(DC)(DG)(DT)(DT)(DT)(DA)(DA)(DG)(DC)(DG)(DG)(DT)(DG)(DC)(DT)(DA)
(DG)(DA)(DG)(DC)(DT)(DG)(DT)(DC)(DT)(DA)(DC)(DG)(DA)(DC)(DC)(DA)(DA)(DT)(DT)(DG)
(DA)(DG)(DC)(DG)(DG)(DC)(DC)(DT)(DC)(DG)(DG)(DC)(DA)(DC)(DC)(DG)(DG)(DG)(DA)(DT)
(DT)(DC)(DT)(DC)(DC)(DA)
;
I
6 'polydeoxyribonucleotide'
;(DT)(DG)(DG)(DA)(DG)(DA)(DA)(DT)(DC)(DC)(DC)(DG)(DG)(DT)(DG)(DC)(DC)(DG)(DA)(DG)
(DG)(DC)(DC)(DG)(DC)(DT)(DC)(DA)(DA)(DT)(DT)(DG)(DG)(DT)(DC)(DG)(DT)(DA)(DG)(DA)
(DC)(DA)(DG)(DC)(DT)(DC)(DT)(DA)(DG)(DC)(DA)(DC)(DC)(DG)(DC)(DT)(DT)(DA)(DA)(DA)
(DC)(DG)(DC)(DA)(DC)(DG)(DT)(DA)(DC)(DG)(DC)(DG)(DC)(DT)(DG)(DT)(DC)(DC)(DC)(DC)
(DC)(DG)(DC)(DG)(DT)(DT)(DT)(DT)(DA)(DA)(DC)(DC)(DG)(DC)(DC)(DA)(DA)(DG)(DG)(DG)
(DG)(DA)(DT)(DT)(DA)(DC)(DT)(DC)(DC)(DC)(DT)(DA)(DG)(DT)(DC)(DT)(DC)(DC)(DA)(DG)
(DG)(DC)(DA)(DC)(DG)(DT)(DG)(DT)(DC)(DA)(DG)(DA)(DT)(DA)(DT)(DA)(DT)(DA)(DC)(DA)
(DT)(DC)(DC)(DT)(DG)(DT)
;
J
#
loop_
_chem_comp.id
_chem_comp.type
_chem_comp.name
_chem_comp.formula
DA DNA linking 2'-DEOXYADENOSINE-5'-MONOPHOSPHATE 'C10 H14 N5 O6 P'
DC DNA linking 2'-DEOXYCYTIDINE-5'-MONOPHOSPHATE 'C9 H14 N3 O7 P'
DG DNA linking 2'-DEOXYGUANOSINE-5'-MONOPHOSPHATE 'C10 H14 N5 O7 P'
DT DNA linking THYMIDINE-5'-MONOPHOSPHATE 'C10 H15 N2 O8 P'
#
# COMPACT_ATOMS: atom_id res chain seq x y z
N PRO A 38 34.40 44.97 -13.28
CA PRO A 38 34.48 43.78 -12.42
C PRO A 38 34.05 42.51 -13.15
N HIS A 39 34.16 41.38 -12.46
CA HIS A 39 33.86 40.08 -13.02
C HIS A 39 32.46 39.63 -12.64
N ARG A 40 31.72 39.12 -13.62
CA ARG A 40 30.36 38.62 -13.40
C ARG A 40 30.19 37.31 -14.16
N TYR A 41 29.29 36.48 -13.65
CA TYR A 41 28.93 35.23 -14.30
C TYR A 41 27.59 35.36 -15.02
N ARG A 42 27.44 34.59 -16.08
CA ARG A 42 26.18 34.58 -16.83
C ARG A 42 25.09 33.93 -15.97
N PRO A 43 23.84 34.34 -16.15
CA PRO A 43 22.75 33.74 -15.38
C PRO A 43 22.59 32.26 -15.70
N GLY A 44 22.82 31.42 -14.70
CA GLY A 44 22.64 29.97 -14.82
C GLY A 44 23.83 29.13 -14.43
N THR A 45 25.04 29.70 -14.30
CA THR A 45 26.22 28.92 -13.96
C THR A 45 26.24 28.54 -12.47
N VAL A 46 26.02 29.53 -11.60
CA VAL A 46 26.03 29.29 -10.16
C VAL A 46 24.94 28.30 -9.77
N ALA A 47 23.82 28.31 -10.49
CA ALA A 47 22.74 27.36 -10.20
C ALA A 47 23.22 25.93 -10.42
N LEU A 48 23.88 25.66 -11.54
CA LEU A 48 24.41 24.32 -11.79
C LEU A 48 25.47 23.94 -10.78
N ARG A 49 26.34 24.88 -10.42
CA ARG A 49 27.36 24.60 -9.41
C ARG A 49 26.72 24.21 -8.09
N GLU A 50 25.68 24.95 -7.67
CA GLU A 50 24.97 24.62 -6.45
C GLU A 50 24.27 23.27 -6.54
N ILE A 51 23.71 22.95 -7.72
CA ILE A 51 23.06 21.66 -7.90
C ILE A 51 24.04 20.53 -7.64
N ARG A 52 25.23 20.60 -8.25
CA ARG A 52 26.24 19.57 -8.03
C ARG A 52 26.65 19.53 -6.56
N ARG A 53 26.90 20.70 -5.96
CA ARG A 53 27.37 20.74 -4.58
C ARG A 53 26.38 20.08 -3.63
N TYR A 54 25.09 20.40 -3.78
CA TYR A 54 24.09 19.87 -2.86
C TYR A 54 23.66 18.46 -3.22
N GLN A 55 23.93 17.99 -4.44
CA GLN A 55 23.72 16.58 -4.72
C GLN A 55 24.89 15.71 -4.27
N LYS A 56 26.03 16.31 -3.93
CA LYS A 56 27.15 15.51 -3.43
C LYS A 56 27.08 15.20 -1.94
N SER A 57 26.42 16.02 -1.13
CA SER A 57 26.46 15.89 0.32
C SER A 57 25.20 15.22 0.87
N THR A 58 25.23 14.95 2.19
CA THR A 58 24.17 14.21 2.87
C THR A 58 23.84 14.86 4.22
N GLU A 59 23.68 16.19 4.23
CA GLU A 59 23.38 16.91 5.46
C GLU A 59 21.93 17.41 5.47
N LEU A 60 21.54 18.02 6.57
CA LEU A 60 20.23 18.63 6.71
C LEU A 60 20.28 20.10 6.28
N LEU A 61 19.19 20.56 5.67
CA LEU A 61 19.16 21.86 5.02
C LEU A 61 18.20 22.86 5.68
N ILE A 62 17.70 22.56 6.88
CA ILE A 62 16.78 23.45 7.59
C ILE A 62 17.31 23.69 8.99
N ARG A 63 17.18 24.93 9.47
CA ARG A 63 17.56 25.26 10.83
C ARG A 63 16.69 24.49 11.82
N LYS A 64 17.26 24.19 12.99
CA LYS A 64 16.64 23.25 13.93
C LYS A 64 15.62 23.91 14.86
N LEU A 65 15.98 25.05 15.45
CA LEU A 65 15.08 25.71 16.41
C LEU A 65 13.75 26.13 15.79
N PRO A 66 13.68 26.76 14.61
CA PRO A 66 12.36 27.06 14.03
C PRO A 66 11.53 25.81 13.78
N PHE A 67 12.17 24.72 13.34
CA PHE A 67 11.43 23.48 13.09
C PHE A 67 10.87 22.91 14.39
N GLN A 68 11.66 22.94 15.46
CA GLN A 68 11.18 22.45 16.75
C GLN A 68 10.01 23.29 17.25
N ARG A 69 10.11 24.62 17.11
CA ARG A 69 9.01 25.49 17.53
C ARG A 69 7.75 25.21 16.71
N LEU A 70 7.91 25.01 15.40
CA LEU A 70 6.75 24.68 14.56
C LEU A 70 6.10 23.37 14.99
N VAL A 71 6.92 22.36 15.27
CA VAL A 71 6.38 21.06 15.69
C VAL A 71 5.58 21.20 16.98
N ARG A 72 6.15 21.92 17.97
CA ARG A 72 5.44 22.10 19.23
C ARG A 72 4.13 22.87 19.03
N GLU A 73 4.17 23.93 18.22
CA GLU A 73 2.95 24.71 17.98
C GLU A 73 1.87 23.85 17.33
N ILE A 74 2.24 23.02 16.35
CA ILE A 74 1.25 22.16 15.70
C ILE A 74 0.69 21.16 16.71
N ALA A 75 1.56 20.54 17.51
CA ALA A 75 1.11 19.53 18.45
C ALA A 75 0.24 20.11 19.58
N GLN A 76 0.24 21.44 19.74
CA GLN A 76 -0.52 22.06 20.82
C GLN A 76 -2.01 21.72 20.74
N ASP A 77 -2.56 21.64 19.52
CA ASP A 77 -4.01 21.52 19.36
C ASP A 77 -4.54 20.17 19.88
N PHE A 78 -3.83 19.08 19.59
CA PHE A 78 -4.37 17.75 19.89
C PHE A 78 -4.37 17.46 21.39
N LYS A 79 -3.34 17.91 22.10
CA LYS A 79 -3.26 17.72 23.54
C LYS A 79 -2.37 18.81 24.13
N THR A 80 -2.66 19.18 25.37
CA THR A 80 -1.94 20.24 26.06
C THR A 80 -0.92 19.66 27.03
N ASP A 81 0.16 20.42 27.24
CA ASP A 81 1.25 20.05 28.15
C ASP A 81 1.89 18.71 27.75
N LEU A 82 2.50 18.72 26.57
CA LEU A 82 3.23 17.56 26.05
C LEU A 82 4.73 17.79 26.17
N ARG A 83 5.47 16.69 26.16
CA ARG A 83 6.93 16.71 26.19
C ARG A 83 7.44 15.76 25.12
N PHE A 84 8.61 16.10 24.57
CA PHE A 84 9.20 15.36 23.44
C PHE A 84 10.58 14.85 23.81
N GLN A 85 10.90 13.64 23.37
CA GLN A 85 12.27 13.16 23.40
C GLN A 85 13.10 13.91 22.36
N SER A 86 14.42 13.77 22.47
CA SER A 86 15.32 14.49 21.57
C SER A 86 15.32 13.92 20.16
N SER A 87 15.09 12.62 20.00
CA SER A 87 15.23 11.96 18.70
C SER A 87 13.95 11.99 17.87
N ALA A 88 12.78 12.22 18.48
CA ALA A 88 11.54 12.28 17.71
C ALA A 88 11.56 13.43 16.71
N VAL A 89 12.06 14.59 17.15
CA VAL A 89 12.16 15.75 16.26
C VAL A 89 13.08 15.45 15.09
N MET A 90 14.21 14.78 15.35
CA MET A 90 15.13 14.41 14.29
C MET A 90 14.48 13.49 13.27
N ALA A 91 13.74 12.49 13.75
CA ALA A 91 13.05 11.58 12.84
C ALA A 91 12.04 12.33 11.98
N LEU A 92 11.26 13.23 12.60
CA LEU A 92 10.29 14.00 11.85
C LEU A 92 10.96 14.85 10.77
N GLN A 93 12.08 15.50 11.11
CA GLN A 93 12.78 16.34 10.14
C GLN A 93 13.30 15.52 8.97
N GLU A 94 13.88 14.35 9.26
CA GLU A 94 14.37 13.47 8.19
C GLU A 94 13.24 13.12 7.22
N ALA A 95 12.11 12.66 7.76
CA ALA A 95 11.01 12.26 6.90
C ALA A 95 10.50 13.43 6.06
N SER A 96 10.34 14.60 6.69
CA SER A 96 9.82 15.76 5.97
C SER A 96 10.72 16.15 4.81
N GLU A 97 12.04 16.18 5.05
CA GLU A 97 12.97 16.59 3.99
C GLU A 97 12.96 15.59 2.83
N ALA A 98 12.93 14.28 3.12
CA ALA A 98 12.87 13.31 2.04
C ALA A 98 11.62 13.51 1.19
N TYR A 99 10.48 13.69 1.86
CA TYR A 99 9.21 13.89 1.14
C TYR A 99 9.30 15.10 0.21
N LEU A 100 9.81 16.22 0.73
CA LEU A 100 9.87 17.44 -0.08
C LEU A 100 10.77 17.27 -1.29
N VAL A 101 11.92 16.60 -1.11
CA VAL A 101 12.84 16.42 -2.24
C VAL A 101 12.18 15.60 -3.35
N ALA A 102 11.51 14.50 -2.97
CA ALA A 102 10.84 13.69 -3.99
C ALA A 102 9.78 14.49 -4.73
N LEU A 103 8.98 15.27 -3.99
CA LEU A 103 7.94 16.06 -4.62
C LEU A 103 8.53 17.05 -5.62
N PHE A 104 9.64 17.70 -5.25
CA PHE A 104 10.27 18.66 -6.16
C PHE A 104 10.77 17.98 -7.43
N GLU A 105 11.32 16.76 -7.31
CA GLU A 105 11.74 16.05 -8.52
C GLU A 105 10.57 15.81 -9.47
N ASP A 106 9.45 15.32 -8.93
CA ASP A 106 8.28 15.10 -9.78
C ASP A 106 7.79 16.40 -10.40
N THR A 107 7.81 17.49 -9.64
CA THR A 107 7.40 18.79 -10.17
C THR A 107 8.29 19.23 -11.33
N ASN A 108 9.60 18.99 -11.22
CA ASN A 108 10.50 19.36 -12.31
C ASN A 108 10.18 18.57 -13.57
N LEU A 109 9.89 17.28 -13.42
CA LEU A 109 9.51 16.49 -14.60
C LEU A 109 8.25 17.06 -15.26
N CYS A 110 7.24 17.37 -14.44
CA CYS A 110 5.99 17.93 -14.99
C CYS A 110 6.25 19.26 -15.69
N ALA A 111 7.12 20.10 -15.13
CA ALA A 111 7.44 21.38 -15.76
C ALA A 111 8.13 21.19 -17.10
N ILE A 112 9.06 20.23 -17.17
CA ILE A 112 9.77 20.00 -18.44
C ILE A 112 8.80 19.49 -19.51
N HIS A 113 7.79 18.71 -19.12
CA HIS A 113 6.88 18.15 -20.11
C HIS A 113 6.20 19.21 -20.98
N ALA A 114 6.06 20.44 -20.48
CA ALA A 114 5.33 21.49 -21.17
C ALA A 114 6.24 22.51 -21.86
N LYS A 115 7.48 22.15 -22.15
CA LYS A 115 8.43 23.02 -22.86
C LYS A 115 8.69 24.30 -22.09
N ARG A 116 9.12 24.14 -20.83
CA ARG A 116 9.50 25.27 -19.99
C ARG A 116 10.70 24.87 -19.13
N VAL A 117 11.31 25.87 -18.51
CA VAL A 117 12.39 25.66 -17.56
C VAL A 117 12.04 26.10 -16.15
N THR A 118 11.10 27.03 -15.98
CA THR A 118 10.69 27.49 -14.65
C THR A 118 9.53 26.66 -14.14
N ILE A 119 9.55 26.35 -12.84
CA ILE A 119 8.50 25.59 -12.19
C ILE A 119 7.46 26.56 -11.63
N MET A 120 6.19 26.18 -11.71
CA MET A 120 5.07 27.02 -11.31
C MET A 120 4.08 26.17 -10.53
N PRO A 121 3.20 26.81 -9.75
CA PRO A 121 2.32 26.01 -8.86
C PRO A 121 1.45 24.99 -9.58
N LYS A 122 1.10 25.24 -10.85
CA LYS A 122 0.30 24.27 -11.61
C LYS A 122 1.00 22.92 -11.67
N ASP A 123 2.33 22.92 -11.79
CA ASP A 123 3.07 21.67 -11.83
C ASP A 123 2.95 20.90 -10.52
N ILE A 124 3.05 21.60 -9.38
CA ILE A 124 2.88 20.95 -8.08
C ILE A 124 1.49 20.37 -7.96
N GLN A 125 0.47 21.14 -8.35
CA GLN A 125 -0.90 20.66 -8.25
C GLN A 125 -1.13 19.42 -9.11
N LEU A 126 -0.63 19.44 -10.35
CA LEU A 126 -0.79 18.28 -11.23
C LEU A 126 -0.06 17.07 -10.69
N ALA A 127 1.16 17.26 -10.19
CA ALA A 127 1.93 16.15 -9.65
C ALA A 127 1.24 15.53 -8.44
N ARG A 128 0.68 16.37 -7.57
CA ARG A 128 -0.04 15.84 -6.41
C ARG A 128 -1.33 15.15 -6.82
N ARG A 129 -2.00 15.66 -7.86
CA ARG A 129 -3.28 15.08 -8.25
C ARG A 129 -3.10 13.73 -8.94
N ILE A 130 -2.10 13.62 -9.81
CA ILE A 130 -1.85 12.33 -10.47
C ILE A 130 -1.41 11.29 -9.44
N ARG A 131 -0.56 11.69 -8.49
CA ARG A 131 -0.05 10.75 -7.49
C ARG A 131 -1.15 10.18 -6.60
N GLY A 132 -2.29 10.85 -6.50
CA GLY A 132 -3.40 10.35 -5.71
C GLY A 132 -3.59 11.00 -4.35
N GLU A 133 -2.82 12.04 -4.04
CA GLU A 133 -2.96 12.70 -2.75
C GLU A 133 -4.11 13.69 -2.70
N ARG A 134 -4.70 14.02 -3.85
CA ARG A 134 -5.84 14.93 -3.89
C ARG A 134 -7.12 14.17 -4.21
N VAL B 21 2.07 30.16 24.92
CA VAL B 21 1.37 29.98 23.66
C VAL B 21 2.25 30.46 22.50
N LEU B 22 2.37 29.61 21.48
CA LEU B 22 3.16 29.92 20.29
C LEU B 22 2.25 30.22 19.12
N ARG B 23 2.73 31.09 18.23
CA ARG B 23 1.95 31.47 17.06
C ARG B 23 2.88 32.03 15.98
N ASP B 24 2.46 31.89 14.72
CA ASP B 24 3.15 32.45 13.57
C ASP B 24 4.59 31.92 13.49
N ASN B 25 4.72 30.60 13.45
CA ASN B 25 6.01 29.95 13.30
C ASN B 25 6.23 29.33 11.93
N ILE B 26 5.22 29.33 11.06
CA ILE B 26 5.39 28.81 9.71
C ILE B 26 6.31 29.70 8.88
N GLN B 27 6.47 30.97 9.28
CA GLN B 27 7.36 31.88 8.58
C GLN B 27 8.82 31.62 8.85
N GLY B 28 9.14 30.73 9.78
CA GLY B 28 10.53 30.36 10.03
C GLY B 28 11.14 29.48 8.95
N ILE B 29 10.34 29.00 8.01
CA ILE B 29 10.85 28.24 6.87
C ILE B 29 11.15 29.27 5.78
N THR B 30 12.35 29.83 5.83
CA THR B 30 12.74 30.88 4.92
C THR B 30 12.93 30.34 3.51
N LYS B 31 12.98 31.25 2.53
CA LYS B 31 13.12 30.89 1.12
C LYS B 31 14.50 30.33 0.77
N PRO B 32 15.61 30.74 1.41
CA PRO B 32 16.88 30.06 1.11
C PRO B 32 16.85 28.56 1.36
N ALA B 33 16.17 28.11 2.42
CA ALA B 33 16.06 26.67 2.67
C ALA B 33 15.28 25.96 1.58
N ILE B 34 14.17 26.58 1.13
CA ILE B 34 13.39 26.01 0.04
C ILE B 34 14.23 25.95 -1.23
N ARG B 35 15.03 26.98 -1.47
CA ARG B 35 15.92 26.98 -2.63
C ARG B 35 16.94 25.85 -2.54
N ARG B 36 17.51 25.61 -1.36
CA ARG B 36 18.45 24.51 -1.19
C ARG B 36 17.77 23.17 -1.46
N LEU B 37 16.55 22.99 -0.94
CA LEU B 37 15.81 21.76 -1.19
C LEU B 37 15.55 21.56 -2.68
N ALA B 38 15.17 22.64 -3.37
CA ALA B 38 14.95 22.56 -4.82
C ALA B 38 16.25 22.23 -5.54
N ARG B 39 17.37 22.80 -5.10
CA ARG B 39 18.66 22.49 -5.72
C ARG B 39 18.99 21.01 -5.60
N ARG B 40 18.79 20.44 -4.41
CA ARG B 40 19.02 19.00 -4.27
C ARG B 40 18.03 18.21 -5.12
N GLY B 41 16.83 18.76 -5.35
CA GLY B 41 15.88 18.10 -6.24
C GLY B 41 16.26 18.16 -7.70
N GLY B 42 17.10 19.11 -8.09
CA GLY B 42 17.53 19.25 -9.46
C GLY B 42 16.84 20.33 -10.26
N VAL B 43 16.40 21.41 -9.62
CA VAL B 43 15.66 22.49 -10.27
C VAL B 43 16.61 23.64 -10.55
N LYS B 44 16.42 24.30 -11.70
CA LYS B 44 17.29 25.37 -12.15
C LYS B 44 16.69 26.76 -11.99
N ARG B 45 15.42 26.95 -12.34
CA ARG B 45 14.75 28.23 -12.21
C ARG B 45 13.46 28.05 -11.42
N ILE B 46 13.15 29.02 -10.57
CA ILE B 46 12.03 28.96 -9.64
C ILE B 46 11.19 30.22 -9.80
N SER B 47 9.88 30.06 -9.88
CA SER B 47 8.96 31.19 -9.91
C SER B 47 8.84 31.81 -8.52
N GLY B 48 8.13 32.94 -8.43
CA GLY B 48 7.99 33.68 -7.21
C GLY B 48 6.81 33.32 -6.34
N LEU B 49 6.04 32.29 -6.70
CA LEU B 49 4.84 31.92 -5.94
C LEU B 49 4.91 30.49 -5.41
N ILE B 50 6.11 29.91 -5.32
CA ILE B 50 6.25 28.52 -4.90
C ILE B 50 6.22 28.38 -3.37
N TYR B 51 6.65 29.40 -2.65
CA TYR B 51 6.92 29.28 -1.22
C TYR B 51 5.65 29.05 -0.42
N GLU B 52 4.56 29.76 -0.75
CA GLU B 52 3.29 29.56 -0.03
C GLU B 52 2.76 28.15 -0.23
N GLU B 53 2.83 27.64 -1.48
CA GLU B 53 2.42 26.27 -1.75
C GLU B 53 3.24 25.27 -0.95
N THR B 54 4.56 25.47 -0.90
CA THR B 54 5.42 24.56 -0.15
C THR B 54 5.05 24.56 1.33
N ARG B 55 4.82 25.75 1.89
CA ARG B 55 4.47 25.84 3.31
C ARG B 55 3.16 25.12 3.61
N GLY B 56 2.15 25.30 2.75
CA GLY B 56 0.89 24.61 2.97
C GLY B 56 1.03 23.10 2.92
N VAL B 57 1.77 22.60 1.92
CA VAL B 57 1.97 21.15 1.79
C VAL B 57 2.66 20.60 3.04
N LEU B 58 3.71 21.29 3.48
CA LEU B 58 4.45 20.84 4.67
C LEU B 58 3.55 20.81 5.90
N LYS B 59 2.73 21.84 6.08
CA LYS B 59 1.82 21.86 7.23
C LYS B 59 0.85 20.68 7.21
N VAL B 60 0.27 20.39 6.05
CA VAL B 60 -0.67 19.27 5.96
C VAL B 60 0.02 17.96 6.33
N PHE B 61 1.21 17.74 5.78
CA PHE B 61 1.96 16.51 6.06
C PHE B 61 2.24 16.36 7.56
N LEU B 62 2.72 17.45 8.18
CA LEU B 62 3.07 17.38 9.60
C LEU B 62 1.84 17.10 10.46
N GLU B 63 0.71 17.75 10.16
CA GLU B 63 -0.51 17.48 10.92
C GLU B 63 -0.89 16.01 10.83
N ASN B 64 -0.86 15.46 9.60
CA ASN B 64 -1.27 14.08 9.41
C ASN B 64 -0.41 13.12 10.23
N VAL B 65 0.91 13.33 10.26
CA VAL B 65 1.76 12.43 11.02
C VAL B 65 1.55 12.61 12.53
N ILE B 66 1.51 13.86 12.99
CA ILE B 66 1.51 14.14 14.43
C ILE B 66 0.23 13.63 15.10
N ARG B 67 -0.91 13.69 14.40
CA ARG B 67 -2.14 13.19 15.02
C ARG B 67 -2.01 11.72 15.44
N ASP B 68 -1.53 10.87 14.52
CA ASP B 68 -1.37 9.45 14.84
C ASP B 68 -0.30 9.25 15.90
N ALA B 69 0.79 10.02 15.85
CA ALA B 69 1.81 9.90 16.88
C ALA B 69 1.24 10.16 18.28
N VAL B 70 0.43 11.22 18.40
CA VAL B 70 -0.16 11.55 19.70
C VAL B 70 -1.16 10.49 20.13
N THR B 71 -1.93 9.95 19.19
CA THR B 71 -2.86 8.87 19.54
C THR B 71 -2.11 7.68 20.11
N TYR B 72 -1.01 7.28 19.46
CA TYR B 72 -0.21 6.17 19.97
C TYR B 72 0.33 6.48 21.37
N THR B 73 0.82 7.70 21.59
CA THR B 73 1.32 8.06 22.91
C THR B 73 0.22 7.98 23.96
N GLU B 74 -0.99 8.46 23.63
CA GLU B 74 -2.05 8.54 24.62
C GLU B 74 -2.60 7.18 25.00
N HIS B 75 -2.53 6.19 24.10
CA HIS B 75 -3.06 4.86 24.44
C HIS B 75 -2.29 4.23 25.60
N ALA B 76 -1.01 4.55 25.76
CA ALA B 76 -0.15 3.90 26.75
C ALA B 76 -0.11 4.65 28.08
N LYS B 77 -0.91 5.69 28.25
CA LYS B 77 -0.95 6.49 29.48
C LYS B 77 0.43 7.09 29.80
N ARG B 78 0.93 7.87 28.86
CA ARG B 78 2.20 8.59 29.02
C ARG B 78 1.98 10.06 28.70
N LYS B 79 2.99 10.87 29.04
CA LYS B 79 2.98 12.30 28.77
C LYS B 79 4.17 12.74 27.93
N THR B 80 4.99 11.80 27.46
CA THR B 80 6.16 12.10 26.64
C THR B 80 6.08 11.32 25.34
N VAL B 81 6.33 12.00 24.23
CA VAL B 81 6.31 11.38 22.91
C VAL B 81 7.70 10.82 22.63
N THR B 82 7.76 9.54 22.30
CA THR B 82 9.01 8.84 22.04
C THR B 82 9.20 8.62 20.54
N ALA B 83 10.39 8.14 20.18
CA ALA B 83 10.72 7.93 18.77
C ALA B 83 9.95 6.76 18.17
N MET B 84 9.67 5.73 18.99
CA MET B 84 8.96 4.56 18.49
C MET B 84 7.55 4.93 18.05
N ASP B 85 6.90 5.88 18.72
CA ASP B 85 5.59 6.34 18.28
C ASP B 85 5.66 6.94 16.88
N VAL B 86 6.68 7.78 16.63
CA VAL B 86 6.85 8.37 15.30
C VAL B 86 7.12 7.29 14.27
N VAL B 87 7.95 6.30 14.62
CA VAL B 87 8.26 5.22 13.68
C VAL B 87 7.00 4.45 13.32
N TYR B 88 6.19 4.10 14.32
CA TYR B 88 4.95 3.37 14.07
C TYR B 88 3.98 4.21 13.22
N ALA B 89 3.85 5.49 13.54
CA ALA B 89 2.95 6.35 12.78
C ALA B 89 3.38 6.47 11.34
N LEU B 90 4.69 6.61 11.08
CA LEU B 90 5.19 6.65 9.72
C LEU B 90 4.96 5.33 9.00
N LYS B 91 5.18 4.20 9.68
CA LYS B 91 5.01 2.90 9.05
C LYS B 91 3.56 2.65 8.68
N ARG B 92 2.62 3.13 9.51
CA ARG B 92 1.20 2.87 9.24
C ARG B 92 0.74 3.52 7.94
N GLN B 93 1.41 4.56 7.46
CA GLN B 93 1.02 5.28 6.26
C GLN B 93 1.81 4.85 5.02
N GLY B 94 2.66 3.84 5.14
CA GLY B 94 3.43 3.36 4.01
C GLY B 94 4.74 4.07 3.75
N ARG B 95 5.36 4.64 4.78
CA ARG B 95 6.66 5.30 4.65
C ARG B 95 7.56 4.75 5.76
N THR B 96 8.24 3.64 5.48
CA THR B 96 9.11 3.02 6.45
C THR B 96 10.40 3.81 6.59
N LEU B 97 10.93 3.87 7.82
CA LEU B 97 12.14 4.62 8.13
C LEU B 97 13.12 3.71 8.86
N TYR B 98 14.37 3.72 8.39
CA TYR B 98 15.45 2.97 9.02
C TYR B 98 16.41 3.94 9.70
N GLY B 99 16.85 3.58 10.91
CA GLY B 99 17.91 4.30 11.61
C GLY B 99 17.59 4.70 13.02
N PHE B 100 16.31 4.81 13.40
CA PHE B 100 15.92 5.26 14.73
C PHE B 100 15.23 4.09 15.43
N GLY B 101 16.03 3.23 16.04
CA GLY B 101 15.48 2.06 16.72
C GLY B 101 14.69 1.19 15.75
N GLY B 102 13.57 0.67 16.25
CA GLY B 102 12.67 -0.12 15.43
C GLY B 102 13.21 -1.50 15.07
N THR C 10 -34.35 -27.02 36.08
CA THR C 10 -34.89 -25.77 36.60
C THR C 10 -34.11 -24.56 36.08
N ARG C 11 -33.66 -24.66 34.83
CA ARG C 11 -32.93 -23.57 34.21
C ARG C 11 -33.88 -22.43 33.84
N ALA C 12 -33.31 -21.28 33.53
CA ALA C 12 -34.05 -20.03 33.33
C ALA C 12 -34.20 -19.69 31.86
N LYS C 13 -34.42 -20.69 31.01
CA LYS C 13 -34.59 -20.51 29.56
C LYS C 13 -33.28 -19.91 29.01
N ALA C 14 -33.36 -19.17 27.91
CA ALA C 14 -32.16 -18.62 27.27
C ALA C 14 -32.47 -17.24 26.70
N LYS C 15 -31.42 -16.41 26.62
CA LYS C 15 -31.51 -15.08 26.03
C LYS C 15 -30.22 -14.81 25.28
N THR C 16 -30.34 -14.47 23.99
CA THR C 16 -29.17 -14.14 23.20
C THR C 16 -28.53 -12.83 23.69
N ARG C 17 -27.20 -12.76 23.59
CA ARG C 17 -26.49 -11.57 24.03
C ARG C 17 -26.84 -10.35 23.18
N SER C 18 -27.21 -10.57 21.92
CA SER C 18 -27.64 -9.46 21.06
C SER C 18 -28.88 -8.79 21.63
N SER C 19 -29.82 -9.57 22.14
CA SER C 19 -31.03 -9.00 22.75
C SER C 19 -30.67 -8.18 23.97
N ARG C 20 -29.73 -8.67 24.79
CA ARG C 20 -29.28 -7.89 25.95
C ARG C 20 -28.65 -6.58 25.53
N ALA C 21 -27.81 -6.62 24.49
CA ALA C 21 -27.16 -5.42 23.98
C ALA C 21 -28.06 -4.59 23.08
N GLY C 22 -29.22 -5.11 22.69
CA GLY C 22 -30.12 -4.39 21.81
C GLY C 22 -29.58 -4.16 20.42
N LEU C 23 -29.01 -5.19 19.81
CA LEU C 23 -28.42 -5.09 18.48
C LEU C 23 -29.15 -6.03 17.51
N GLN C 24 -28.72 -5.98 16.26
CA GLN C 24 -29.22 -6.88 15.22
C GLN C 24 -28.18 -7.87 14.73
N PHE C 25 -26.89 -7.51 14.77
CA PHE C 25 -25.80 -8.38 14.36
C PHE C 25 -25.47 -9.39 15.46
N PRO C 26 -25.00 -10.57 15.10
CA PRO C 26 -24.69 -11.59 16.11
C PRO C 26 -23.48 -11.22 16.94
N VAL C 27 -23.45 -11.74 18.17
CA VAL C 27 -22.35 -11.52 19.10
C VAL C 27 -21.56 -12.79 19.34
N GLY C 28 -22.25 -13.93 19.51
CA GLY C 28 -21.55 -15.18 19.73
C GLY C 28 -20.69 -15.59 18.54
N ARG C 29 -21.21 -15.40 17.33
CA ARG C 29 -20.43 -15.71 16.13
C ARG C 29 -19.19 -14.84 16.04
N VAL C 30 -19.33 -13.55 16.35
CA VAL C 30 -18.17 -12.65 16.33
C VAL C 30 -17.15 -13.07 17.39
N HIS C 31 -17.63 -13.46 18.57
CA HIS C 31 -16.72 -13.92 19.61
C HIS C 31 -15.96 -15.17 19.16
N ARG C 32 -16.66 -16.13 18.56
CA ARG C 32 -16.00 -17.33 18.05
C ARG C 32 -14.99 -17.00 16.97
N LEU C 33 -15.36 -16.10 16.05
CA LEU C 33 -14.43 -15.73 14.98
C LEU C 33 -13.19 -15.05 15.55
N LEU C 34 -13.35 -14.21 16.57
CA LEU C 34 -12.20 -13.59 17.22
C LEU C 34 -11.31 -14.63 17.89
N ARG C 35 -11.91 -15.62 18.55
CA ARG C 35 -11.11 -16.57 19.33
C ARG C 35 -10.34 -17.56 18.46
N LYS C 36 -10.67 -17.69 17.18
CA LYS C 36 -10.03 -18.68 16.31
C LYS C 36 -9.32 -18.03 15.12
N GLY C 37 -8.91 -16.77 15.26
CA GLY C 37 -8.25 -16.04 14.18
C GLY C 37 -6.78 -15.76 14.37
N ASN C 38 -6.15 -16.25 15.44
CA ASN C 38 -4.74 -15.99 15.73
C ASN C 38 -4.45 -14.51 15.84
N TYR C 39 -5.21 -13.83 16.70
CA TYR C 39 -5.02 -12.41 16.98
C TYR C 39 -4.36 -12.16 18.33
N ALA C 40 -4.76 -12.88 19.37
CA ALA C 40 -4.17 -12.74 20.70
C ALA C 40 -4.45 -14.02 21.48
N GLU C 41 -3.77 -14.16 22.62
CA GLU C 41 -3.94 -15.35 23.44
C GLU C 41 -5.32 -15.40 24.09
N ARG C 42 -5.82 -14.25 24.54
CA ARG C 42 -7.09 -14.18 25.26
C ARG C 42 -7.94 -13.05 24.68
N VAL C 43 -9.25 -13.18 24.85
CA VAL C 43 -10.21 -12.19 24.36
C VAL C 43 -11.12 -11.79 25.51
N GLY C 44 -11.32 -10.49 25.69
CA GLY C 44 -12.18 -9.99 26.73
C GLY C 44 -13.65 -10.20 26.43
N ALA C 45 -14.49 -9.76 27.36
CA ALA C 45 -15.93 -9.96 27.29
C ALA C 45 -16.68 -8.77 26.69
N GLY C 46 -16.00 -7.67 26.39
CA GLY C 46 -16.69 -6.49 25.89
C GLY C 46 -16.38 -6.14 24.44
N ALA C 47 -15.35 -6.75 23.87
CA ALA C 47 -14.98 -6.46 22.49
C ALA C 47 -16.06 -6.83 21.47
N PRO C 48 -16.69 -8.02 21.52
CA PRO C 48 -17.66 -8.35 20.46
C PRO C 48 -18.81 -7.36 20.36
N VAL C 49 -19.30 -6.85 21.48
CA VAL C 49 -20.40 -5.88 21.45
C VAL C 49 -19.99 -4.63 20.69
N TYR C 50 -18.80 -4.10 21.01
CA TYR C 50 -18.28 -2.92 20.33
C TYR C 50 -18.17 -3.16 18.83
N LEU C 51 -17.55 -4.28 18.44
CA LEU C 51 -17.32 -4.55 17.03
C LEU C 51 -18.64 -4.69 16.27
N ALA C 52 -19.60 -5.41 16.85
CA ALA C 52 -20.90 -5.59 16.21
C ALA C 52 -21.61 -4.26 16.02
N ALA C 53 -21.57 -3.40 17.05
CA ALA C 53 -22.21 -2.09 16.93
C ALA C 53 -21.60 -1.29 15.79
N VAL C 54 -20.27 -1.26 15.70
CA VAL C 54 -19.62 -0.49 14.65
C VAL C 54 -20.01 -1.00 13.27
N LEU C 55 -19.99 -2.34 13.10
CA LEU C 55 -20.33 -2.91 11.80
C LEU C 55 -21.77 -2.58 11.41
N GLU C 56 -22.70 -2.69 12.36
CA GLU C 56 -24.10 -2.39 12.07
C GLU C 56 -24.28 -0.93 11.66
N TYR C 57 -23.59 -0.01 12.35
CA TYR C 57 -23.70 1.41 12.02
C TYR C 57 -23.24 1.67 10.58
N LEU C 58 -22.09 1.13 10.20
CA LEU C 58 -21.59 1.35 8.85
C LEU C 58 -22.55 0.79 7.80
N THR C 59 -23.06 -0.42 8.05
CA THR C 59 -23.99 -1.04 7.10
C THR C 59 -25.23 -0.18 6.92
N ALA C 60 -25.78 0.34 8.03
CA ALA C 60 -26.98 1.17 7.94
C ALA C 60 -26.72 2.43 7.11
N GLU C 61 -25.57 3.08 7.33
CA GLU C 61 -25.25 4.28 6.56
C GLU C 61 -25.26 3.98 5.05
N ILE C 62 -24.50 2.97 4.64
CA ILE C 62 -24.39 2.67 3.21
C ILE C 62 -25.74 2.32 2.63
N LEU C 63 -26.52 1.50 3.35
CA LEU C 63 -27.82 1.08 2.84
C LEU C 63 -28.77 2.26 2.67
N GLU C 64 -28.77 3.20 3.61
CA GLU C 64 -29.63 4.38 3.47
C GLU C 64 -29.29 5.16 2.21
N LEU C 65 -27.99 5.42 1.99
CA LEU C 65 -27.62 6.19 0.80
C LEU C 65 -28.02 5.45 -0.48
N ALA C 66 -27.77 4.14 -0.54
CA ALA C 66 -28.11 3.37 -1.73
C ALA C 66 -29.62 3.38 -1.98
N GLY C 67 -30.43 3.26 -0.93
CA GLY C 67 -31.87 3.29 -1.10
C GLY C 67 -32.36 4.64 -1.61
N ASN C 68 -31.76 5.72 -1.12
CA ASN C 68 -32.12 7.04 -1.65
C ASN C 68 -31.83 7.12 -3.14
N ALA C 69 -30.66 6.64 -3.57
CA ALA C 69 -30.35 6.66 -4.99
C ALA C 69 -31.34 5.82 -5.80
N ALA C 70 -31.66 4.62 -5.29
CA ALA C 70 -32.55 3.73 -6.02
C ALA C 70 -33.94 4.34 -6.18
N ARG C 71 -34.46 4.97 -5.12
CA ARG C 71 -35.75 5.65 -5.26
C ARG C 71 -35.66 6.81 -6.23
N ASP C 72 -34.53 7.54 -6.23
CA ASP C 72 -34.37 8.65 -7.17
C ASP C 72 -34.42 8.17 -8.61
N ASN C 73 -34.00 6.93 -8.88
CA ASN C 73 -34.01 6.39 -10.24
C ASN C 73 -35.32 5.70 -10.60
N LYS C 74 -36.35 5.79 -9.75
CA LYS C 74 -37.67 5.22 -10.02
C LYS C 74 -37.60 3.70 -10.13
N LYS C 75 -37.00 3.07 -9.12
CA LYS C 75 -36.93 1.62 -9.02
C LYS C 75 -37.26 1.20 -7.58
N THR C 76 -37.57 -0.08 -7.41
CA THR C 76 -37.87 -0.63 -6.09
C THR C 76 -36.88 -1.71 -5.68
N ARG C 77 -35.78 -1.87 -6.40
CA ARG C 77 -34.72 -2.80 -6.02
C ARG C 77 -33.36 -2.12 -6.18
N ILE C 78 -32.36 -2.65 -5.48
CA ILE C 78 -31.03 -2.08 -5.42
C ILE C 78 -30.09 -2.94 -6.26
N ILE C 79 -29.31 -2.29 -7.13
CA ILE C 79 -28.36 -2.97 -8.01
C ILE C 79 -27.00 -2.31 -7.83
N PRO C 80 -25.92 -2.97 -8.25
CA PRO C 80 -24.58 -2.43 -7.96
C PRO C 80 -24.36 -1.01 -8.44
N ARG C 81 -25.06 -0.57 -9.49
CA ARG C 81 -24.93 0.82 -9.96
C ARG C 81 -25.31 1.80 -8.87
N HIS C 82 -26.38 1.52 -8.13
CA HIS C 82 -26.80 2.41 -7.05
C HIS C 82 -25.77 2.47 -5.94
N LEU C 83 -25.17 1.32 -5.59
CA LEU C 83 -24.11 1.31 -4.59
C LEU C 83 -22.91 2.13 -5.05
N GLN C 84 -22.53 1.99 -6.32
CA GLN C 84 -21.41 2.77 -6.85
C GLN C 84 -21.70 4.26 -6.78
N LEU C 85 -22.91 4.67 -7.18
CA LEU C 85 -23.27 6.08 -7.13
C LEU C 85 -23.25 6.59 -5.69
N ALA C 86 -23.82 5.83 -4.76
CA ALA C 86 -23.88 6.27 -3.36
C ALA C 86 -22.49 6.42 -2.77
N VAL C 87 -21.59 5.46 -3.05
CA VAL C 87 -20.25 5.52 -2.48
C VAL C 87 -19.47 6.69 -3.07
N ARG C 88 -19.51 6.84 -4.40
CA ARG C 88 -18.64 7.83 -5.04
C ARG C 88 -19.12 9.25 -4.83
N ASN C 89 -20.44 9.45 -4.66
CA ASN C 89 -20.93 10.82 -4.46
C ASN C 89 -20.62 11.33 -3.05
N ASP C 90 -20.40 10.46 -2.09
CA ASP C 90 -20.07 10.89 -0.73
C ASP C 90 -18.57 11.19 -0.62
N GLU C 91 -18.19 11.81 0.50
CA GLU C 91 -16.81 12.20 0.76
C GLU C 91 -16.10 11.21 1.67
N GLU C 92 -16.64 11.00 2.87
CA GLU C 92 -15.99 10.10 3.83
C GLU C 92 -15.94 8.67 3.29
N LEU C 93 -17.04 8.19 2.71
CA LEU C 93 -17.07 6.84 2.16
C LEU C 93 -16.10 6.69 0.99
N ASN C 94 -16.02 7.72 0.14
CA ASN C 94 -15.05 7.68 -0.96
C ASN C 94 -13.63 7.65 -0.42
N LYS C 95 -13.37 8.35 0.68
CA LYS C 95 -12.07 8.28 1.32
C LYS C 95 -11.79 6.87 1.83
N LEU C 96 -12.79 6.24 2.44
CA LEU C 96 -12.58 4.93 3.05
C LEU C 96 -12.33 3.85 2.01
N LEU C 97 -13.17 3.79 0.98
CA LEU C 97 -13.04 2.79 -0.09
C LEU C 97 -12.29 3.38 -1.27
N GLY C 98 -11.05 3.83 -1.00
CA GLY C 98 -10.29 4.54 -2.02
C GLY C 98 -9.65 3.64 -3.05
N ARG C 99 -9.40 2.39 -2.72
CA ARG C 99 -8.70 1.45 -3.60
C ARG C 99 -9.49 0.16 -3.75
N VAL C 100 -10.79 0.28 -4.00
CA VAL C 100 -11.69 -0.86 -4.13
C VAL C 100 -12.44 -0.74 -5.45
N THR C 101 -12.55 -1.86 -6.17
CA THR C 101 -13.29 -1.93 -7.43
C THR C 101 -14.59 -2.68 -7.20
N ILE C 102 -15.69 -2.11 -7.68
CA ILE C 102 -17.01 -2.72 -7.58
C ILE C 102 -17.42 -3.21 -8.96
N ALA C 103 -17.71 -4.50 -9.08
CA ALA C 103 -18.08 -5.09 -10.36
C ALA C 103 -19.42 -4.52 -10.85
N GLN C 104 -19.52 -4.32 -12.16
CA GLN C 104 -20.73 -3.80 -12.80
C GLN C 104 -21.14 -2.46 -12.21
N GLY C 105 -20.15 -1.60 -11.95
CA GLY C 105 -20.41 -0.32 -11.31
C GLY C 105 -20.54 0.86 -12.26
N GLY C 106 -19.58 1.02 -13.15
CA GLY C 106 -19.56 2.18 -14.02
C GLY C 106 -18.74 3.32 -13.45
N VAL C 107 -18.96 4.52 -14.00
CA VAL C 107 -18.24 5.72 -13.59
C VAL C 107 -19.22 6.88 -13.47
N LEU C 108 -18.78 7.93 -12.77
CA LEU C 108 -19.55 9.17 -12.67
C LEU C 108 -19.42 9.96 -13.97
N PRO C 109 -20.50 10.63 -14.40
CA PRO C 109 -20.44 11.42 -15.64
C PRO C 109 -19.83 12.78 -15.37
N ASN C 110 -18.77 13.11 -16.11
CA ASN C 110 -18.17 14.44 -16.07
C ASN C 110 -17.34 14.64 -17.33
N ILE C 111 -17.32 15.88 -17.82
CA ILE C 111 -16.57 16.26 -19.01
C ILE C 111 -15.79 17.53 -18.71
N GLN C 112 -14.53 17.56 -19.13
CA GLN C 112 -13.72 18.77 -18.95
C GLN C 112 -14.30 19.92 -19.75
N SER C 113 -14.25 21.12 -19.17
CA SER C 113 -14.91 22.28 -19.77
C SER C 113 -14.22 22.77 -21.03
N VAL C 114 -12.94 22.44 -21.23
CA VAL C 114 -12.24 22.91 -22.42
C VAL C 114 -12.80 22.26 -23.67
N LEU C 115 -13.24 21.00 -23.57
CA LEU C 115 -13.70 20.23 -24.72
C LEU C 115 -15.09 20.64 -25.20
N LEU C 116 -15.84 21.41 -24.41
CA LEU C 116 -17.20 21.77 -24.79
C LEU C 116 -17.19 22.74 -25.97
N PRO C 117 -18.18 22.66 -26.85
CA PRO C 117 -18.20 23.53 -28.03
C PRO C 117 -18.52 24.97 -27.66
N LYS C 118 -17.95 25.89 -28.44
CA LYS C 118 -18.26 27.32 -28.33
C LYS C 118 -17.72 28.08 -29.53
N THR D 29 -23.54 -29.09 2.40
CA THR D 29 -22.51 -28.52 3.27
C THR D 29 -22.90 -27.11 3.71
N ARG D 30 -22.74 -26.83 5.00
CA ARG D 30 -23.16 -25.56 5.56
C ARG D 30 -22.19 -24.44 5.16
N LYS D 31 -22.75 -23.28 4.82
CA LYS D 31 -21.98 -22.08 4.52
C LYS D 31 -22.63 -20.90 5.22
N GLU D 32 -21.80 -20.00 5.77
CA GLU D 32 -22.28 -18.89 6.57
C GLU D 32 -22.09 -17.56 5.83
N SER D 33 -22.97 -16.61 6.11
CA SER D 33 -22.93 -15.28 5.52
C SER D 33 -23.67 -14.32 6.45
N TYR D 34 -23.82 -13.07 6.00
CA TYR D 34 -24.46 -12.01 6.77
C TYR D 34 -25.78 -11.56 6.16
N ALA D 35 -26.42 -12.40 5.34
CA ALA D 35 -27.58 -11.95 4.57
C ALA D 35 -28.75 -11.54 5.46
N ILE D 36 -29.04 -12.32 6.49
CA ILE D 36 -30.24 -12.08 7.31
C ILE D 36 -30.15 -10.74 8.01
N TYR D 37 -28.99 -10.43 8.60
CA TYR D 37 -28.84 -9.20 9.36
C TYR D 37 -28.86 -7.97 8.45
N VAL D 38 -28.23 -8.07 7.28
CA VAL D 38 -28.30 -7.00 6.29
C VAL D 38 -29.74 -6.74 5.88
N TYR D 39 -30.50 -7.81 5.65
CA TYR D 39 -31.91 -7.64 5.27
C TYR D 39 -32.71 -7.00 6.39
N LYS D 40 -32.44 -7.39 7.63
CA LYS D 40 -33.15 -6.79 8.77
C LYS D 40 -32.85 -5.29 8.85
N VAL D 41 -31.58 -4.91 8.72
CA VAL D 41 -31.22 -3.49 8.77
C VAL D 41 -31.88 -2.73 7.63
N LEU D 42 -31.90 -3.33 6.43
CA LEU D 42 -32.54 -2.68 5.29
C LEU D 42 -34.03 -2.47 5.54
N LYS D 43 -34.71 -3.47 6.09
CA LYS D 43 -36.11 -3.31 6.42
C LYS D 43 -36.32 -2.26 7.50
N GLN D 44 -35.35 -2.11 8.41
CA GLN D 44 -35.44 -1.04 9.40
C GLN D 44 -35.34 0.33 8.74
N VAL D 45 -34.42 0.51 7.79
CA VAL D 45 -34.20 1.83 7.19
C VAL D 45 -35.29 2.16 6.19
N HIS D 46 -35.38 1.40 5.11
CA HIS D 46 -36.42 1.60 4.11
C HIS D 46 -37.43 0.46 4.20
N PRO D 47 -38.64 0.72 4.70
CA PRO D 47 -39.58 -0.40 4.96
C PRO D 47 -39.96 -1.22 3.74
N ASP D 48 -40.03 -0.60 2.56
CA ASP D 48 -40.46 -1.28 1.33
C ASP D 48 -39.42 -1.07 0.24
N THR D 49 -38.38 -1.90 0.23
CA THR D 49 -37.34 -1.84 -0.81
C THR D 49 -36.60 -3.17 -0.83
N GLY D 50 -36.41 -3.73 -2.02
CA GLY D 50 -35.74 -5.00 -2.18
C GLY D 50 -34.26 -4.86 -2.50
N ILE D 51 -33.64 -6.00 -2.80
CA ILE D 51 -32.22 -6.04 -3.14
C ILE D 51 -31.97 -7.32 -3.94
N SER D 52 -31.04 -7.26 -4.88
CA SER D 52 -30.68 -8.42 -5.69
C SER D 52 -29.51 -9.17 -5.06
N SER D 53 -29.10 -10.27 -5.71
CA SER D 53 -28.09 -11.15 -5.14
C SER D 53 -26.69 -10.57 -5.25
N LYS D 54 -26.38 -9.91 -6.36
CA LYS D 54 -25.05 -9.34 -6.56
C LYS D 54 -24.73 -8.29 -5.50
N ALA D 55 -25.70 -7.42 -5.21
CA ALA D 55 -25.52 -6.44 -4.15
C ALA D 55 -25.30 -7.11 -2.80
N MET D 56 -25.99 -8.23 -2.56
CA MET D 56 -25.79 -8.97 -1.32
C MET D 56 -24.35 -9.49 -1.22
N SER D 57 -23.83 -10.03 -2.32
CA SER D 57 -22.44 -10.48 -2.32
C SER D 57 -21.49 -9.33 -2.03
N ILE D 58 -21.74 -8.17 -2.64
CA ILE D 58 -20.88 -7.01 -2.41
C ILE D 58 -20.91 -6.58 -0.94
N MET D 59 -22.11 -6.55 -0.35
CA MET D 59 -22.23 -6.20 1.07
C MET D 59 -21.48 -7.18 1.96
N ASN D 60 -21.59 -8.48 1.67
CA ASN D 60 -20.87 -9.49 2.45
C ASN D 60 -19.37 -9.25 2.40
N SER D 61 -18.84 -9.00 1.20
CA SER D 61 -17.41 -8.74 1.06
C SER D 61 -17.01 -7.50 1.85
N PHE D 62 -17.82 -6.44 1.80
CA PHE D 62 -17.51 -5.22 2.53
C PHE D 62 -17.41 -5.47 4.04
N VAL D 63 -18.38 -6.21 4.59
CA VAL D 63 -18.37 -6.50 6.02
C VAL D 63 -17.13 -7.28 6.41
N ASN D 64 -16.80 -8.31 5.62
CA ASN D 64 -15.62 -9.12 5.93
C ASN D 64 -14.35 -8.27 5.91
N ASP D 65 -14.22 -7.39 4.91
CA ASP D 65 -13.02 -6.57 4.79
C ASP D 65 -12.85 -5.66 6.01
N VAL D 66 -13.92 -4.98 6.44
CA VAL D 66 -13.81 -4.08 7.57
C VAL D 66 -13.45 -4.85 8.84
N PHE D 67 -14.10 -6.01 9.04
CA PHE D 67 -13.78 -6.85 10.20
C PHE D 67 -12.29 -7.18 10.24
N GLU D 68 -11.74 -7.63 9.10
CA GLU D 68 -10.34 -8.04 9.08
C GLU D 68 -9.43 -6.86 9.42
N ARG D 69 -9.68 -5.69 8.82
CA ARG D 69 -8.84 -4.53 9.10
C ARG D 69 -8.80 -4.23 10.59
N ILE D 70 -9.98 -4.09 11.20
CA ILE D 70 -10.02 -3.68 12.61
C ILE D 70 -9.34 -4.72 13.50
N ALA D 71 -9.60 -6.01 13.23
CA ALA D 71 -9.00 -7.05 14.07
C ALA D 71 -7.48 -7.04 13.98
N GLY D 72 -6.93 -6.90 12.77
CA GLY D 72 -5.48 -6.87 12.64
C GLY D 72 -4.85 -5.69 13.35
N GLU D 73 -5.46 -4.50 13.21
CA GLU D 73 -4.91 -3.33 13.88
C GLU D 73 -4.92 -3.51 15.40
N ALA D 74 -6.02 -4.05 15.93
CA ALA D 74 -6.09 -4.27 17.37
C ALA D 74 -5.04 -5.26 17.84
N SER D 75 -4.81 -6.32 17.06
CA SER D 75 -3.80 -7.31 17.44
C SER D 75 -2.42 -6.68 17.52
N ARG D 76 -2.04 -5.90 16.49
CA ARG D 76 -0.73 -5.24 16.53
C ARG D 76 -0.63 -4.28 17.71
N LEU D 77 -1.71 -3.51 17.96
CA LEU D 77 -1.68 -2.55 19.07
C LEU D 77 -1.48 -3.25 20.41
N ALA D 78 -2.13 -4.41 20.60
CA ALA D 78 -1.92 -5.15 21.84
C ALA D 78 -0.50 -5.69 21.94
N HIS D 79 0.09 -6.09 20.82
CA HIS D 79 1.45 -6.65 20.87
C HIS D 79 2.48 -5.59 21.26
N TYR D 80 2.27 -4.34 20.87
CA TYR D 80 3.28 -3.30 21.14
C TYR D 80 3.49 -3.09 22.64
N ASN D 81 2.42 -3.20 23.44
CA ASN D 81 2.47 -2.84 24.85
C ASN D 81 2.72 -4.03 25.78
N LYS D 82 3.05 -5.19 25.23
CA LYS D 82 3.36 -6.39 26.01
C LYS D 82 2.16 -6.82 26.86
N ARG D 83 1.04 -7.03 26.18
CA ARG D 83 -0.17 -7.57 26.79
C ARG D 83 -0.60 -8.82 26.02
N SER D 84 -1.48 -9.60 26.64
CA SER D 84 -1.95 -10.85 26.06
C SER D 84 -3.47 -10.92 26.06
N THR D 85 -4.14 -9.78 26.05
CA THR D 85 -5.60 -9.73 26.04
C THR D 85 -6.06 -8.60 25.13
N ILE D 86 -7.22 -8.81 24.49
CA ILE D 86 -7.86 -7.81 23.64
C ILE D 86 -9.12 -7.35 24.35
N THR D 87 -9.22 -6.04 24.60
CA THR D 87 -10.34 -5.47 25.33
C THR D 87 -11.01 -4.36 24.54
N SER D 88 -11.92 -3.62 25.18
CA SER D 88 -12.63 -2.56 24.49
C SER D 88 -11.72 -1.40 24.11
N ARG D 89 -10.69 -1.13 24.91
CA ARG D 89 -9.81 0.00 24.64
C ARG D 89 -9.05 -0.19 23.33
N GLU D 90 -8.58 -1.41 23.06
CA GLU D 90 -7.91 -1.68 21.79
C GLU D 90 -8.85 -1.45 20.61
N ILE D 91 -10.10 -1.90 20.71
CA ILE D 91 -11.07 -1.71 19.65
C ILE D 91 -11.32 -0.22 19.42
N GLN D 92 -11.49 0.54 20.51
CA GLN D 92 -11.74 1.97 20.38
C GLN D 92 -10.56 2.69 19.72
N THR D 93 -9.33 2.39 20.16
CA THR D 93 -8.17 3.04 19.57
C THR D 93 -8.01 2.65 18.10
N ALA D 94 -8.26 1.39 17.76
CA ALA D 94 -8.19 0.98 16.36
C ALA D 94 -9.23 1.69 15.52
N VAL D 95 -10.45 1.85 16.03
CA VAL D 95 -11.48 2.59 15.31
C VAL D 95 -11.05 4.04 15.10
N ARG D 96 -10.47 4.66 16.13
CA ARG D 96 -10.00 6.04 15.98
C ARG D 96 -8.88 6.12 14.95
N LEU D 97 -8.02 5.11 14.87
CA LEU D 97 -6.93 5.13 13.92
C LEU D 97 -7.41 4.90 12.49
N LEU D 98 -8.44 4.08 12.30
CA LEU D 98 -8.83 3.68 10.94
C LEU D 98 -9.75 4.70 10.28
N LEU D 99 -10.91 4.98 10.88
CA LEU D 99 -11.95 5.76 10.23
C LEU D 99 -11.61 7.25 10.19
N PRO D 100 -12.04 7.97 9.14
CA PRO D 100 -11.81 9.41 9.08
C PRO D 100 -12.99 10.25 9.55
N GLY D 101 -12.71 11.39 10.18
CA GLY D 101 -13.72 12.42 10.37
C GLY D 101 -14.83 12.01 11.34
N GLU D 102 -16.06 12.37 10.97
CA GLU D 102 -17.23 12.17 11.82
C GLU D 102 -17.59 10.70 11.99
N LEU D 103 -17.21 9.84 11.05
CA LEU D 103 -17.51 8.42 11.17
C LEU D 103 -16.93 7.84 12.46
N ALA D 104 -15.70 8.21 12.78
CA ALA D 104 -15.08 7.74 14.02
C ALA D 104 -15.87 8.20 15.24
N LYS D 105 -16.28 9.47 15.26
CA LYS D 105 -17.02 9.99 16.40
C LYS D 105 -18.33 9.24 16.61
N HIS D 106 -19.12 9.10 15.54
CA HIS D 106 -20.40 8.43 15.67
C HIS D 106 -20.23 6.96 16.03
N ALA D 107 -19.24 6.29 15.45
CA ALA D 107 -18.98 4.88 15.78
C ALA D 107 -18.59 4.72 17.25
N VAL D 108 -17.74 5.62 17.76
CA VAL D 108 -17.35 5.56 19.16
C VAL D 108 -18.56 5.74 20.06
N SER D 109 -19.42 6.70 19.73
CA SER D 109 -20.62 6.92 20.54
C SER D 109 -21.50 5.68 20.56
N GLU D 110 -21.72 5.08 19.38
CA GLU D 110 -22.57 3.89 19.29
C GLU D 110 -22.00 2.73 20.10
N GLY D 111 -20.69 2.48 19.96
CA GLY D 111 -20.08 1.39 20.70
C GLY D 111 -20.14 1.58 22.21
N THR D 112 -19.86 2.80 22.67
CA THR D 112 -19.93 3.07 24.10
C THR D 112 -21.34 2.86 24.63
N LYS D 113 -22.35 3.35 23.90
CA LYS D 113 -23.73 3.17 24.34
C LYS D 113 -24.10 1.69 24.40
N ALA D 114 -23.68 0.92 23.39
CA ALA D 114 -24.00 -0.51 23.38
C ALA D 114 -23.39 -1.23 24.56
N VAL D 115 -22.10 -0.96 24.84
CA VAL D 115 -21.44 -1.62 25.97
C VAL D 115 -22.10 -1.23 27.29
N THR D 116 -22.40 0.07 27.47
CA THR D 116 -23.03 0.51 28.70
C THR D 116 -24.39 -0.17 28.90
N LYS D 117 -25.18 -0.27 27.83
CA LYS D 117 -26.47 -0.95 27.96
C LYS D 117 -26.28 -2.43 28.29
N TYR D 118 -25.30 -3.09 27.66
CA TYR D 118 -25.10 -4.51 27.90
C TYR D 118 -24.70 -4.79 29.35
N THR D 119 -23.81 -3.96 29.92
CA THR D 119 -23.32 -4.22 31.27
C THR D 119 -24.44 -4.14 32.30
N SER D 120 -25.38 -3.19 32.13
CA SER D 120 -26.43 -3.00 33.11
C SER D 120 -27.30 -4.24 33.26
N ALA D 121 -27.66 -4.88 32.16
CA ALA D 121 -28.50 -6.07 32.19
C ALA D 121 -27.67 -7.33 32.38
N LYS E 37 -27.74 18.54 -51.35
CA LYS E 37 -26.62 17.82 -50.76
C LYS E 37 -27.04 17.05 -49.52
N PRO E 38 -26.41 15.90 -49.28
CA PRO E 38 -26.75 15.10 -48.09
C PRO E 38 -26.40 15.82 -46.79
N HIS E 39 -26.74 15.18 -45.69
CA HIS E 39 -26.54 15.76 -44.35
C HIS E 39 -25.26 15.22 -43.73
N ARG E 40 -24.47 16.11 -43.15
CA ARG E 40 -23.23 15.75 -42.46
C ARG E 40 -23.12 16.54 -41.16
N TYR E 41 -22.41 15.95 -40.21
CA TYR E 41 -22.14 16.59 -38.93
C TYR E 41 -20.71 17.13 -38.91
N ARG E 42 -20.52 18.21 -38.15
CA ARG E 42 -19.20 18.78 -37.98
C ARG E 42 -18.31 17.83 -37.18
N PRO E 43 -17.01 17.84 -37.43
CA PRO E 43 -16.11 16.95 -36.67
C PRO E 43 -16.09 17.30 -35.19
N GLY E 44 -16.55 16.37 -34.37
CA GLY E 44 -16.55 16.53 -32.91
C GLY E 44 -17.88 16.32 -32.22
N THR E 45 -19.00 16.32 -32.95
CA THR E 45 -20.31 16.15 -32.32
C THR E 45 -20.56 14.69 -31.91
N VAL E 46 -20.34 13.76 -32.84
CA VAL E 46 -20.56 12.35 -32.58
C VAL E 46 -19.66 11.87 -31.46
N ALA E 47 -18.46 12.44 -31.32
CA ALA E 47 -17.57 12.06 -30.25
C ALA E 47 -18.18 12.38 -28.88
N LEU E 48 -18.73 13.58 -28.73
CA LEU E 48 -19.38 13.95 -27.48
C LEU E 48 -20.61 13.08 -27.21
N ARG E 49 -21.40 12.81 -28.27
CA ARG E 49 -22.56 11.94 -28.09
C ARG E 49 -22.14 10.56 -27.59
N GLU E 50 -21.09 10.00 -28.18
CA GLU E 50 -20.58 8.70 -27.74
C GLU E 50 -20.05 8.76 -26.31
N ILE E 51 -19.39 9.87 -25.95
CA ILE E 51 -18.89 10.02 -24.58
C ILE E 51 -20.04 9.92 -23.59
N ARG E 52 -21.12 10.67 -23.83
CA ARG E 52 -22.27 10.61 -22.94
C ARG E 52 -22.86 9.20 -22.91
N ARG E 53 -23.04 8.60 -24.09
CA ARG E 53 -23.68 7.29 -24.17
C ARG E 53 -22.90 6.25 -23.37
N TYR E 54 -21.57 6.22 -23.52
CA TYR E 54 -20.77 5.22 -22.84
C TYR E 54 -20.48 5.56 -21.40
N GLN E 55 -20.65 6.82 -21.00
CA GLN E 55 -20.59 7.14 -19.58
C GLN E 55 -21.90 6.86 -18.86
N LYS E 56 -23.00 6.64 -19.59
CA LYS E 56 -24.26 6.32 -18.94
C LYS E 56 -24.42 4.84 -18.59
N SER E 57 -23.76 3.93 -19.30
CA SER E 57 -24.01 2.50 -19.14
C SER E 57 -22.92 1.81 -18.31
N THR E 58 -23.16 0.53 -18.01
CA THR E 58 -22.29 -0.26 -17.13
C THR E 58 -22.05 -1.65 -17.71
N GLU E 59 -21.73 -1.74 -18.99
CA GLU E 59 -21.50 -3.02 -19.65
C GLU E 59 -20.01 -3.22 -19.94
N LEU E 60 -19.69 -4.39 -20.49
CA LEU E 60 -18.34 -4.71 -20.92
C LEU E 60 -18.15 -4.34 -22.39
N LEU E 61 -16.94 -3.89 -22.72
CA LEU E 61 -16.66 -3.29 -24.02
C LEU E 61 -15.69 -4.09 -24.87
N ILE E 62 -15.37 -5.33 -24.48
CA ILE E 62 -14.45 -6.18 -25.23
C ILE E 62 -15.12 -7.52 -25.52
N ARG E 63 -14.90 -8.04 -26.71
CA ARG E 63 -15.40 -9.37 -27.07
C ARG E 63 -14.76 -10.42 -26.16
N LYS E 64 -15.51 -11.50 -25.92
CA LYS E 64 -15.14 -12.47 -24.89
C LYS E 64 -14.17 -13.55 -25.39
N LEU E 65 -14.45 -14.13 -26.56
CA LEU E 65 -13.61 -15.21 -27.07
C LEU E 65 -12.17 -14.79 -27.32
N PRO E 66 -11.88 -13.65 -27.97
CA PRO E 66 -10.47 -13.25 -28.10
C PRO E 66 -9.78 -13.05 -26.76
N PHE E 67 -10.48 -12.49 -25.77
CA PHE E 67 -9.88 -12.30 -24.44
C PHE E 67 -9.56 -13.63 -23.79
N GLN E 68 -10.47 -14.60 -23.89
CA GLN E 68 -10.23 -15.92 -23.33
C GLN E 68 -9.03 -16.59 -23.99
N ARG E 69 -8.94 -16.49 -25.33
CA ARG E 69 -7.81 -17.07 -26.04
C ARG E 69 -6.50 -16.41 -25.61
N LEU E 70 -6.51 -15.08 -25.45
CA LEU E 70 -5.31 -14.38 -25.01
C LEU E 70 -4.90 -14.83 -23.61
N VAL E 71 -5.86 -14.97 -22.70
CA VAL E 71 -5.55 -15.41 -21.35
C VAL E 71 -4.91 -16.80 -21.35
N ARG E 72 -5.49 -17.72 -22.12
CA ARG E 72 -4.93 -19.08 -22.18
C ARG E 72 -3.53 -19.06 -22.77
N GLU E 73 -3.33 -18.29 -23.84
CA GLU E 73 -2.00 -18.23 -24.46
C GLU E 73 -0.97 -17.69 -23.48
N ILE E 74 -1.31 -16.64 -22.73
CA ILE E 74 -0.36 -16.09 -21.77
C ILE E 74 -0.07 -17.11 -20.67
N ALA E 75 -1.10 -17.79 -20.16
CA ALA E 75 -0.90 -18.75 -19.08
C ALA E 75 -0.12 -19.99 -19.52
N GLN E 76 0.02 -20.20 -20.83
CA GLN E 76 0.72 -21.38 -21.33
C GLN E 76 2.15 -21.47 -20.81
N ASP E 77 2.83 -20.33 -20.67
CA ASP E 77 4.27 -20.35 -20.36
C ASP E 77 4.55 -20.87 -18.96
N PHE E 78 3.76 -20.46 -17.97
CA PHE E 78 4.08 -20.77 -16.58
C PHE E 78 3.85 -22.25 -16.26
N LYS E 79 2.80 -22.85 -16.82
CA LYS E 79 2.51 -24.26 -16.61
C LYS E 79 1.70 -24.77 -17.79
N THR E 80 1.88 -26.05 -18.10
CA THR E 80 1.23 -26.68 -19.24
C THR E 80 0.02 -27.50 -18.78
N ASP E 81 -0.98 -27.61 -19.66
CA ASP E 81 -2.20 -28.36 -19.42
C ASP E 81 -2.95 -27.84 -18.19
N LEU E 82 -3.40 -26.59 -18.29
CA LEU E 82 -4.20 -25.94 -17.26
C LEU E 82 -5.67 -25.88 -17.67
N ARG E 83 -6.54 -25.74 -16.67
CA ARG E 83 -7.97 -25.60 -16.88
C ARG E 83 -8.46 -24.43 -16.04
N PHE E 84 -9.50 -23.75 -16.54
CA PHE E 84 -10.02 -22.54 -15.90
C PHE E 84 -11.50 -22.73 -15.57
N GLN E 85 -11.91 -22.19 -14.42
CA GLN E 85 -13.32 -22.05 -14.12
C GLN E 85 -13.92 -20.93 -14.98
N SER E 86 -15.24 -20.88 -15.02
CA SER E 86 -15.92 -19.90 -15.88
C SER E 86 -15.82 -18.48 -15.34
N SER E 87 -15.74 -18.31 -14.02
CA SER E 87 -15.78 -16.97 -13.42
C SER E 87 -14.42 -16.31 -13.29
N ALA E 88 -13.32 -17.06 -13.36
CA ALA E 88 -12.00 -16.46 -13.27
C ALA E 88 -11.75 -15.51 -14.43
N VAL E 89 -12.15 -15.92 -15.65
CA VAL E 89 -11.98 -15.07 -16.82
C VAL E 89 -12.78 -13.78 -16.67
N MET E 90 -14.00 -13.89 -16.14
CA MET E 90 -14.82 -12.70 -15.92
C MET E 90 -14.17 -11.74 -14.94
N ALA E 91 -13.62 -12.27 -13.84
CA ALA E 91 -12.94 -11.41 -12.87
C ALA E 91 -11.75 -10.71 -13.50
N LEU E 92 -10.96 -11.46 -14.28
CA LEU E 92 -9.80 -10.87 -14.94
C LEU E 92 -10.22 -9.73 -15.88
N GLN E 93 -11.28 -9.96 -16.66
CA GLN E 93 -11.74 -8.94 -17.61
C GLN E 93 -12.20 -7.68 -16.88
N GLU E 94 -12.97 -7.87 -15.80
CA GLU E 94 -13.42 -6.72 -15.01
C GLU E 94 -12.23 -5.88 -14.54
N ALA E 95 -11.25 -6.53 -13.92
CA ALA E 95 -10.10 -5.81 -13.39
C ALA E 95 -9.35 -5.07 -14.51
N SER E 96 -9.13 -5.76 -15.64
CA SER E 96 -8.37 -5.16 -16.74
C SER E 96 -9.07 -3.90 -17.26
N GLU E 97 -10.39 -3.97 -17.45
CA GLU E 97 -11.11 -2.83 -18.00
C GLU E 97 -11.07 -1.65 -17.04
N ALA E 98 -11.26 -1.90 -15.74
CA ALA E 98 -11.19 -0.80 -14.78
C ALA E 98 -9.82 -0.11 -14.83
N TYR E 99 -8.76 -0.92 -14.85
CA TYR E 99 -7.40 -0.37 -14.91
C TYR E 99 -7.20 0.51 -16.13
N LEU E 100 -7.64 0.03 -17.29
CA LEU E 100 -7.44 0.79 -18.53
C LEU E 100 -8.20 2.11 -18.50
N VAL E 101 -9.44 2.10 -17.99
CA VAL E 101 -10.22 3.33 -17.94
C VAL E 101 -9.53 4.38 -17.07
N ALA E 102 -9.06 3.97 -15.88
CA ALA E 102 -8.38 4.93 -15.02
C ALA E 102 -7.13 5.49 -15.68
N LEU E 103 -6.35 4.64 -16.34
CA LEU E 103 -5.14 5.11 -17.00
C LEU E 103 -5.47 6.14 -18.08
N PHE E 104 -6.53 5.89 -18.85
CA PHE E 104 -6.90 6.83 -19.91
C PHE E 104 -7.32 8.17 -19.33
N GLU E 105 -8.03 8.17 -18.19
CA GLU E 105 -8.40 9.44 -17.56
C GLU E 105 -7.15 10.25 -17.19
N ASP E 106 -6.18 9.59 -16.56
CA ASP E 106 -4.95 10.31 -16.20
C ASP E 106 -4.22 10.82 -17.44
N THR E 107 -4.20 10.02 -18.51
CA THR E 107 -3.57 10.44 -19.75
C THR E 107 -4.24 11.69 -20.31
N ASN E 108 -5.57 11.75 -20.26
CA ASN E 108 -6.27 12.93 -20.76
C ASN E 108 -5.90 14.17 -19.96
N LEU E 109 -5.79 14.04 -18.64
CA LEU E 109 -5.36 15.18 -17.84
C LEU E 109 -3.97 15.65 -18.25
N CYS E 110 -3.04 14.72 -18.41
CA CYS E 110 -1.69 15.08 -18.81
C CYS E 110 -1.68 15.76 -20.18
N ALA E 111 -2.49 15.27 -21.11
CA ALA E 111 -2.57 15.89 -22.43
C ALA E 111 -3.10 17.31 -22.36
N ILE E 112 -4.13 17.55 -21.54
CA ILE E 112 -4.68 18.89 -21.42
C ILE E 112 -3.66 19.85 -20.82
N HIS E 113 -2.81 19.36 -19.90
CA HIS E 113 -1.88 20.27 -19.24
C HIS E 113 -0.96 21.00 -20.23
N ALA E 114 -0.73 20.45 -21.41
CA ALA E 114 0.21 21.01 -22.38
C ALA E 114 -0.46 21.76 -23.52
N LYS E 115 -1.69 22.22 -23.33
CA LYS E 115 -2.43 23.00 -24.32
C LYS E 115 -2.63 22.22 -25.63
N ARG E 116 -3.23 21.04 -25.50
CA ARG E 116 -3.56 20.21 -26.64
C ARG E 116 -4.90 19.52 -26.38
N VAL E 117 -5.45 18.94 -27.44
CA VAL E 117 -6.67 18.14 -27.36
C VAL E 117 -6.44 16.69 -27.72
N THR E 118 -5.42 16.36 -28.51
CA THR E 118 -5.13 14.99 -28.89
C THR E 118 -4.15 14.36 -27.89
N ILE E 119 -4.38 13.08 -27.58
CA ILE E 119 -3.52 12.34 -26.67
C ILE E 119 -2.46 11.61 -27.49
N MET E 120 -1.25 11.55 -26.95
CA MET E 120 -0.08 11.00 -27.63
C MET E 120 0.68 10.12 -26.64
N PRO E 121 1.53 9.22 -27.13
CA PRO E 121 2.19 8.27 -26.22
C PRO E 121 3.01 8.91 -25.11
N LYS E 122 3.54 10.11 -25.33
CA LYS E 122 4.30 10.80 -24.29
C LYS E 122 3.45 10.99 -23.04
N ASP E 123 2.16 11.28 -23.21
CA ASP E 123 1.27 11.45 -22.07
C ASP E 123 1.13 10.16 -21.26
N ILE E 124 0.97 9.03 -21.95
CA ILE E 124 0.89 7.74 -21.26
C ILE E 124 2.18 7.47 -20.50
N GLN E 125 3.32 7.71 -21.14
CA GLN E 125 4.60 7.45 -20.48
C GLN E 125 4.79 8.32 -19.24
N LEU E 126 4.45 9.61 -19.35
CA LEU E 126 4.57 10.51 -18.20
C LEU E 126 3.63 10.11 -17.08
N ALA E 127 2.38 9.76 -17.42
CA ALA E 127 1.41 9.35 -16.41
C ALA E 127 1.87 8.09 -15.68
N ARG E 128 2.42 7.13 -16.42
CA ARG E 128 2.90 5.91 -15.79
C ARG E 128 4.14 6.18 -14.93
N ARG E 129 5.00 7.11 -15.37
CA ARG E 129 6.24 7.37 -14.63
C ARG E 129 5.98 8.12 -13.34
N ILE E 130 5.08 9.11 -13.37
CA ILE E 130 4.75 9.84 -12.15
C ILE E 130 4.06 8.91 -11.15
N ARG E 131 3.16 8.06 -11.63
CA ARG E 131 2.41 7.16 -10.75
C ARG E 131 3.30 6.16 -10.02
N GLY E 132 4.50 5.90 -10.53
CA GLY E 132 5.42 5.00 -9.88
C GLY E 132 5.52 3.62 -10.47
N GLU E 133 4.87 3.36 -11.60
CA GLU E 133 4.91 2.03 -12.21
C GLU E 133 6.18 1.81 -13.04
N ARG E 134 6.93 2.86 -13.32
CA ARG E 134 8.18 2.73 -14.07
C ARG E 134 9.39 2.92 -13.16
N VAL F 21 -1.41 -25.48 -29.61
CA VAL F 21 -0.58 -24.31 -29.37
C VAL F 21 -1.23 -23.07 -29.97
N LEU F 22 -1.31 -22.01 -29.18
CA LEU F 22 -1.92 -20.75 -29.60
C LEU F 22 -0.83 -19.70 -29.82
N ARG F 23 -1.08 -18.80 -30.76
CA ARG F 23 -0.11 -17.74 -31.06
C ARG F 23 -0.82 -16.59 -31.75
N ASP F 24 -0.26 -15.39 -31.59
CA ASP F 24 -0.73 -14.18 -32.26
C ASP F 24 -2.20 -13.89 -31.93
N ASN F 25 -2.48 -13.80 -30.63
CA ASN F 25 -3.82 -13.46 -30.15
C ASN F 25 -3.93 -12.05 -29.61
N ILE F 26 -2.82 -11.32 -29.49
CA ILE F 26 -2.89 -9.93 -29.02
C ILE F 26 -3.58 -9.04 -30.04
N GLN F 27 -3.63 -9.45 -31.31
CA GLN F 27 -4.30 -8.68 -32.35
C GLN F 27 -5.81 -8.76 -32.27
N GLY F 28 -6.36 -9.61 -31.40
CA GLY F 28 -7.80 -9.67 -31.21
C GLY F 28 -8.36 -8.50 -30.44
N ILE F 29 -7.52 -7.65 -29.88
CA ILE F 29 -7.97 -6.42 -29.22
C ILE F 29 -8.00 -5.34 -30.30
N THR F 30 -9.12 -5.26 -31.00
CA THR F 30 -9.25 -4.34 -32.13
C THR F 30 -9.33 -2.89 -31.63
N LYS F 31 -9.14 -1.97 -32.57
CA LYS F 31 -9.14 -0.53 -32.26
C LYS F 31 -10.53 0.00 -31.89
N PRO F 32 -11.65 -0.51 -32.42
CA PRO F 32 -12.95 -0.03 -31.91
C PRO F 32 -13.12 -0.22 -30.42
N ALA F 33 -12.65 -1.34 -29.86
CA ALA F 33 -12.76 -1.56 -28.42
C ALA F 33 -11.93 -0.54 -27.64
N ILE F 34 -10.71 -0.25 -28.11
CA ILE F 34 -9.87 0.75 -27.48
C ILE F 34 -10.54 2.12 -27.55
N ARG F 35 -11.18 2.42 -28.69
CA ARG F 35 -11.90 3.68 -28.82
C ARG F 35 -13.05 3.76 -27.83
N ARG F 36 -13.79 2.67 -27.64
CA ARG F 36 -14.87 2.66 -26.65
C ARG F 36 -14.33 2.90 -25.25
N LEU F 37 -13.23 2.23 -24.91
CA LEU F 37 -12.61 2.43 -23.60
C LEU F 37 -12.20 3.89 -23.41
N ALA F 38 -11.60 4.49 -24.44
CA ALA F 38 -11.21 5.90 -24.37
C ALA F 38 -12.43 6.79 -24.21
N ARG F 39 -13.52 6.47 -24.91
CA ARG F 39 -14.75 7.25 -24.79
C ARG F 39 -15.28 7.23 -23.36
N ARG F 40 -15.30 6.05 -22.74
CA ARG F 40 -15.72 5.99 -21.34
C ARG F 40 -14.73 6.74 -20.45
N GLY F 41 -13.46 6.81 -20.85
CA GLY F 41 -12.50 7.58 -20.09
C GLY F 41 -12.68 9.09 -20.23
N GLY F 42 -13.34 9.53 -21.29
CA GLY F 42 -13.57 10.95 -21.51
C GLY F 42 -12.65 11.61 -22.51
N VAL F 43 -12.17 10.88 -23.52
CA VAL F 43 -11.22 11.39 -24.50
C VAL F 43 -11.99 11.75 -25.77
N LYS F 44 -11.56 12.83 -26.43
CA LYS F 44 -12.23 13.35 -27.62
C LYS F 44 -11.49 13.07 -28.92
N ARG F 45 -10.17 13.25 -28.94
CA ARG F 45 -9.36 12.99 -30.13
C ARG F 45 -8.22 12.05 -29.77
N ILE F 46 -7.91 11.13 -30.68
CA ILE F 46 -6.93 10.07 -30.45
C ILE F 46 -5.94 10.09 -31.60
N SER F 47 -4.64 10.00 -31.28
CA SER F 47 -3.59 9.88 -32.27
C SER F 47 -3.58 8.46 -32.84
N GLY F 48 -2.76 8.25 -33.87
CA GLY F 48 -2.69 6.98 -34.56
C GLY F 48 -1.67 5.98 -34.04
N LEU F 49 -1.00 6.28 -32.92
CA LEU F 49 0.04 5.41 -32.39
C LEU F 49 -0.27 4.94 -30.96
N ILE F 50 -1.54 5.02 -30.54
CA ILE F 50 -1.90 4.67 -29.17
C ILE F 50 -2.08 3.16 -28.98
N TYR F 51 -2.49 2.46 -30.05
CA TYR F 51 -2.95 1.07 -29.92
C TYR F 51 -1.81 0.13 -29.52
N GLU F 52 -0.61 0.30 -30.09
CA GLU F 52 0.51 -0.55 -29.72
C GLU F 52 0.89 -0.37 -28.25
N GLU F 53 0.92 0.89 -27.79
CA GLU F 53 1.19 1.16 -26.38
C GLU F 53 0.16 0.50 -25.48
N THR F 54 -1.12 0.62 -25.83
CA THR F 54 -2.18 0.02 -25.03
C THR F 54 -2.01 -1.51 -24.96
N ARG F 55 -1.70 -2.14 -26.09
CA ARG F 55 -1.53 -3.59 -26.11
C ARG F 55 -0.37 -4.02 -25.22
N GLY F 56 0.76 -3.29 -25.29
CA GLY F 56 1.89 -3.64 -24.44
C GLY F 56 1.57 -3.52 -22.96
N VAL F 57 0.91 -2.42 -22.58
CA VAL F 57 0.55 -2.21 -21.17
C VAL F 57 -0.36 -3.34 -20.69
N LEU F 58 -1.36 -3.68 -21.49
CA LEU F 58 -2.29 -4.74 -21.10
C LEU F 58 -1.58 -6.08 -20.93
N LYS F 59 -0.65 -6.40 -21.85
CA LYS F 59 0.08 -7.65 -21.74
C LYS F 59 0.89 -7.70 -20.44
N VAL F 60 1.58 -6.62 -20.11
CA VAL F 60 2.38 -6.60 -18.88
C VAL F 60 1.49 -6.84 -17.66
N PHE F 61 0.35 -6.13 -17.61
CA PHE F 61 -0.55 -6.27 -16.47
C PHE F 61 -1.04 -7.70 -16.33
N LEU F 62 -1.46 -8.31 -17.44
CA LEU F 62 -1.99 -9.67 -17.40
C LEU F 62 -0.93 -10.67 -16.95
N GLU F 63 0.30 -10.53 -17.45
CA GLU F 63 1.37 -11.42 -17.02
C GLU F 63 1.58 -11.33 -15.51
N ASN F 64 1.64 -10.08 -15.00
CA ASN F 64 1.89 -9.90 -13.58
C ASN F 64 0.82 -10.56 -12.72
N VAL F 65 -0.45 -10.44 -13.09
CA VAL F 65 -1.51 -11.05 -12.29
C VAL F 65 -1.47 -12.58 -12.40
N ILE F 66 -1.33 -13.09 -13.63
CA ILE F 66 -1.48 -14.53 -13.87
C ILE F 66 -0.37 -15.33 -13.19
N ARG F 67 0.85 -14.79 -13.11
CA ARG F 67 1.93 -15.53 -12.45
C ARG F 67 1.55 -15.87 -11.02
N ASP F 68 1.11 -14.88 -10.25
CA ASP F 68 0.72 -15.12 -8.86
C ASP F 68 -0.48 -16.03 -8.76
N ALA F 69 -1.45 -15.87 -9.68
CA ALA F 69 -2.61 -16.76 -9.66
C ALA F 69 -2.18 -18.23 -9.81
N VAL F 70 -1.29 -18.50 -10.75
CA VAL F 70 -0.84 -19.86 -10.98
C VAL F 70 -0.03 -20.38 -9.79
N THR F 71 0.79 -19.52 -9.18
CA THR F 71 1.53 -19.94 -7.99
C THR F 71 0.56 -20.38 -6.89
N TYR F 72 -0.48 -19.57 -6.65
CA TYR F 72 -1.47 -19.94 -5.63
C TYR F 72 -2.15 -21.27 -5.97
N THR F 73 -2.50 -21.46 -7.25
CA THR F 73 -3.11 -22.73 -7.65
C THR F 73 -2.18 -23.91 -7.39
N GLU F 74 -0.90 -23.74 -7.72
CA GLU F 74 0.04 -24.87 -7.65
C GLU F 74 0.36 -25.26 -6.21
N HIS F 75 0.29 -24.31 -5.26
CA HIS F 75 0.60 -24.67 -3.88
C HIS F 75 -0.38 -25.69 -3.32
N ALA F 76 -1.62 -25.71 -3.79
CA ALA F 76 -2.67 -26.56 -3.24
C ALA F 76 -2.81 -27.90 -3.95
N LYS F 77 -1.91 -28.22 -4.89
CA LYS F 77 -1.93 -29.47 -5.64
C LYS F 77 -3.24 -29.64 -6.41
N ARG F 78 -3.53 -28.67 -7.27
CA ARG F 78 -4.70 -28.71 -8.14
C ARG F 78 -4.27 -28.47 -9.57
N LYS F 79 -5.20 -28.71 -10.50
CA LYS F 79 -4.99 -28.51 -11.92
C LYS F 79 -5.99 -27.54 -12.52
N THR F 80 -6.85 -26.93 -11.71
CA THR F 80 -7.87 -25.99 -12.17
C THR F 80 -7.72 -24.68 -11.42
N VAL F 81 -7.73 -23.58 -12.15
CA VAL F 81 -7.62 -22.24 -11.57
C VAL F 81 -9.02 -21.77 -11.18
N THR F 82 -9.19 -21.38 -9.93
CA THR F 82 -10.49 -20.95 -9.40
C THR F 82 -10.50 -19.43 -9.24
N ALA F 83 -11.69 -18.90 -8.93
CA ALA F 83 -11.85 -17.46 -8.80
C ALA F 83 -11.17 -16.92 -7.55
N MET F 84 -11.13 -17.72 -6.47
CA MET F 84 -10.51 -17.26 -5.24
C MET F 84 -9.02 -17.02 -5.42
N ASP F 85 -8.35 -17.81 -6.28
CA ASP F 85 -6.95 -17.56 -6.58
C ASP F 85 -6.77 -16.18 -7.22
N VAL F 86 -7.62 -15.83 -8.18
CA VAL F 86 -7.55 -14.52 -8.81
C VAL F 86 -7.82 -13.41 -7.80
N VAL F 87 -8.81 -13.61 -6.92
CA VAL F 87 -9.13 -12.61 -5.91
C VAL F 87 -7.93 -12.38 -4.99
N TYR F 88 -7.31 -13.46 -4.52
CA TYR F 88 -6.15 -13.33 -3.65
C TYR F 88 -4.99 -12.65 -4.37
N ALA F 89 -4.73 -13.03 -5.62
CA ALA F 89 -3.64 -12.42 -6.37
C ALA F 89 -3.87 -10.93 -6.58
N LEU F 90 -5.10 -10.54 -6.88
CA LEU F 90 -5.41 -9.12 -7.03
C LEU F 90 -5.25 -8.39 -5.70
N LYS F 91 -5.71 -9.00 -4.60
CA LYS F 91 -5.62 -8.34 -3.29
C LYS F 91 -4.17 -8.13 -2.89
N ARG F 92 -3.29 -9.09 -3.21
CA ARG F 92 -1.89 -8.99 -2.79
C ARG F 92 -1.19 -7.78 -3.40
N GLN F 93 -1.67 -7.27 -4.52
CA GLN F 93 -1.03 -6.15 -5.21
C GLN F 93 -1.71 -4.81 -4.91
N GLY F 94 -2.69 -4.78 -4.02
CA GLY F 94 -3.36 -3.55 -3.67
C GLY F 94 -4.52 -3.16 -4.54
N ARG F 95 -5.21 -4.12 -5.17
CA ARG F 95 -6.39 -3.86 -5.99
C ARG F 95 -7.48 -4.82 -5.52
N THR F 96 -8.25 -4.41 -4.52
CA THR F 96 -9.31 -5.26 -3.99
C THR F 96 -10.51 -5.27 -4.93
N LEU F 97 -11.16 -6.42 -5.03
CA LEU F 97 -12.30 -6.61 -5.93
C LEU F 97 -13.48 -7.16 -5.14
N TYR F 98 -14.65 -6.56 -5.31
CA TYR F 98 -15.88 -7.01 -4.69
C TYR F 98 -16.80 -7.60 -5.75
N GLY F 99 -17.42 -8.73 -5.44
CA GLY F 99 -18.47 -9.32 -6.26
C GLY F 99 -18.28 -10.79 -6.59
N PHE F 100 -17.07 -11.32 -6.53
CA PHE F 100 -16.79 -12.71 -6.89
C PHE F 100 -16.35 -13.44 -5.64
N GLY F 101 -17.31 -13.91 -4.86
CA GLY F 101 -17.01 -14.60 -3.62
C GLY F 101 -16.21 -13.72 -2.69
N GLY F 102 -15.24 -14.33 -2.01
CA GLY F 102 -14.35 -13.59 -1.14
C GLY F 102 -15.00 -13.12 0.16
N THR G 10 25.90 -39.23 31.85
CA THR G 10 26.52 -39.85 30.68
C THR G 10 25.96 -39.27 29.39
N ARG G 11 25.66 -37.98 29.40
CA ARG G 11 25.16 -37.30 28.22
C ARG G 11 26.28 -37.10 27.21
N ALA G 12 25.90 -36.75 25.98
CA ALA G 12 26.81 -36.68 24.84
C ALA G 12 27.19 -35.26 24.48
N LYS G 13 27.40 -34.41 25.49
CA LYS G 13 27.78 -33.00 25.30
C LYS G 13 26.64 -32.32 24.53
N ALA G 14 26.94 -31.25 23.80
CA ALA G 14 25.92 -30.50 23.09
C ALA G 14 26.45 -30.00 21.76
N LYS G 15 25.55 -29.82 20.80
CA LYS G 15 25.86 -29.30 19.48
C LYS G 15 24.72 -28.39 19.04
N THR G 16 25.04 -27.14 18.69
CA THR G 16 24.04 -26.22 18.20
C THR G 16 23.51 -26.67 16.85
N ARG G 17 22.22 -26.40 16.61
CA ARG G 17 21.60 -26.79 15.34
C ARG G 17 22.21 -26.03 14.17
N SER G 18 22.72 -24.82 14.41
CA SER G 18 23.37 -24.06 13.35
C SER G 18 24.61 -24.80 12.83
N SER G 19 25.38 -25.40 13.75
CA SER G 19 26.54 -26.18 13.33
C SER G 19 26.13 -27.38 12.49
N ARG G 20 25.04 -28.05 12.88
CA ARG G 20 24.55 -29.17 12.07
C ARG G 20 24.13 -28.71 10.69
N ALA G 21 23.43 -27.57 10.60
CA ALA G 21 23.01 -27.03 9.32
C ALA G 21 24.12 -26.26 8.60
N GLY G 22 25.24 -26.02 9.26
CA GLY G 22 26.34 -25.29 8.63
C GLY G 22 26.02 -23.85 8.31
N LEU G 23 25.41 -23.13 9.24
CA LEU G 23 25.01 -21.74 9.06
C LEU G 23 25.74 -20.85 10.06
N GLN G 24 25.49 -19.55 9.94
CA GLN G 24 26.01 -18.55 10.87
C GLN G 24 24.92 -17.91 11.73
N PHE G 25 23.71 -17.79 11.20
CA PHE G 25 22.58 -17.22 11.93
C PHE G 25 21.99 -18.23 12.91
N PRO G 26 21.42 -17.77 14.02
CA PRO G 26 20.87 -18.70 15.02
C PRO G 26 19.62 -19.38 14.50
N VAL G 27 19.36 -20.58 15.04
CA VAL G 27 18.19 -21.37 14.71
C VAL G 27 17.21 -21.47 15.87
N GLY G 28 17.73 -21.69 17.09
CA GLY G 28 16.87 -21.76 18.25
C GLY G 28 16.14 -20.47 18.53
N ARG G 29 16.83 -19.34 18.37
CA ARG G 29 16.18 -18.04 18.57
C ARG G 29 15.08 -17.82 17.54
N VAL G 30 15.32 -18.19 16.29
CA VAL G 30 14.30 -18.05 15.26
C VAL G 30 13.10 -18.95 15.57
N HIS G 31 13.37 -20.18 16.03
CA HIS G 31 12.28 -21.08 16.40
C HIS G 31 11.44 -20.49 17.54
N ARG G 32 12.11 -19.95 18.56
CA ARG G 32 11.37 -19.33 19.67
C ARG G 32 10.56 -18.14 19.20
N LEU G 33 11.15 -17.30 18.33
CA LEU G 33 10.43 -16.13 17.82
C LEU G 33 9.21 -16.56 17.01
N LEU G 34 9.34 -17.62 16.22
CA LEU G 34 8.19 -18.13 15.47
C LEU G 34 7.10 -18.64 16.40
N ARG G 35 7.48 -19.35 17.47
CA ARG G 35 6.48 -19.99 18.32
C ARG G 35 5.72 -18.99 19.20
N LYS G 36 6.20 -17.76 19.35
CA LYS G 36 5.57 -16.78 20.23
C LYS G 36 5.10 -15.53 19.48
N GLY G 37 4.83 -15.66 18.19
CA GLY G 37 4.41 -14.54 17.37
C GLY G 37 2.97 -14.54 16.91
N ASN G 38 2.16 -15.51 17.34
CA ASN G 38 0.76 -15.63 16.92
C ASN G 38 0.64 -15.75 15.40
N TYR G 39 1.35 -16.73 14.84
CA TYR G 39 1.31 -17.02 13.41
C TYR G 39 0.50 -18.28 13.11
N ALA G 40 0.68 -19.34 13.89
CA ALA G 40 -0.06 -20.58 13.71
C ALA G 40 -0.04 -21.36 15.02
N GLU G 41 -0.88 -22.39 15.09
CA GLU G 41 -0.96 -23.19 16.30
C GLU G 41 0.31 -24.00 16.53
N ARG G 42 0.88 -24.56 15.46
CA ARG G 42 2.04 -25.43 15.56
C ARG G 42 3.08 -25.01 14.54
N VAL G 43 4.34 -25.34 14.82
CA VAL G 43 5.46 -25.00 13.95
C VAL G 43 6.26 -26.28 13.70
N GLY G 44 6.59 -26.52 12.43
CA GLY G 44 7.36 -27.69 12.05
C GLY G 44 8.83 -27.57 12.44
N ALA G 45 9.58 -28.61 12.11
CA ALA G 45 10.98 -28.72 12.49
C ALA G 45 11.93 -28.26 11.41
N GLY G 46 11.45 -27.92 10.22
CA GLY G 46 12.32 -27.54 9.12
C GLY G 46 12.26 -26.08 8.71
N ALA G 47 11.25 -25.36 9.19
CA ALA G 47 11.09 -23.95 8.83
C ALA G 47 12.24 -23.07 9.31
N PRO G 48 12.71 -23.15 10.57
CA PRO G 48 13.77 -22.23 11.01
C PRO G 48 15.04 -22.30 10.17
N VAL G 49 15.43 -23.49 9.73
CA VAL G 49 16.64 -23.64 8.91
C VAL G 49 16.48 -22.87 7.60
N TYR G 50 15.33 -23.05 6.94
CA TYR G 50 15.05 -22.35 5.68
C TYR G 50 15.10 -20.84 5.88
N LEU G 51 14.42 -20.34 6.92
CA LEU G 51 14.34 -18.90 7.13
C LEU G 51 15.72 -18.32 7.42
N ALA G 52 16.51 -19.00 8.27
CA ALA G 52 17.84 -18.51 8.59
C ALA G 52 18.73 -18.47 7.36
N ALA G 53 18.66 -19.51 6.52
CA ALA G 53 19.46 -19.51 5.30
C ALA G 53 19.11 -18.34 4.40
N VAL G 54 17.81 -18.07 4.21
CA VAL G 54 17.40 -16.98 3.34
C VAL G 54 17.91 -15.64 3.88
N LEU G 55 17.75 -15.42 5.19
CA LEU G 55 18.20 -14.16 5.78
C LEU G 55 19.69 -13.97 5.62
N GLU G 56 20.48 -15.03 5.87
CA GLU G 56 21.92 -14.93 5.74
C GLU G 56 22.33 -14.59 4.30
N TYR G 57 21.66 -15.22 3.32
CA TYR G 57 21.99 -14.95 1.92
C TYR G 57 21.77 -13.48 1.58
N LEU G 58 20.61 -12.93 1.97
CA LEU G 58 20.33 -11.53 1.65
C LEU G 58 21.34 -10.60 2.32
N THR G 59 21.66 -10.86 3.59
CA THR G 59 22.63 -10.03 4.30
C THR G 59 23.98 -10.05 3.59
N ALA G 60 24.43 -11.22 3.17
CA ALA G 60 25.72 -11.32 2.49
C ALA G 60 25.73 -10.50 1.20
N GLU G 61 24.65 -10.60 0.42
CA GLU G 61 24.58 -9.83 -0.84
C GLU G 61 24.74 -8.33 -0.57
N ILE G 62 23.93 -7.79 0.35
CA ILE G 62 23.97 -6.36 0.59
C ILE G 62 25.34 -5.93 1.11
N LEU G 63 25.91 -6.72 2.02
CA LEU G 63 27.21 -6.36 2.60
C LEU G 63 28.31 -6.35 1.54
N GLU G 64 28.30 -7.32 0.62
CA GLU G 64 29.31 -7.33 -0.44
C GLU G 64 29.22 -6.07 -1.28
N LEU G 65 28.02 -5.69 -1.71
CA LEU G 65 27.90 -4.49 -2.53
C LEU G 65 28.37 -3.25 -1.78
N ALA G 66 27.98 -3.12 -0.51
CA ALA G 66 28.38 -1.95 0.28
C ALA G 66 29.89 -1.89 0.45
N GLY G 67 30.53 -3.04 0.69
CA GLY G 67 31.97 -3.05 0.84
C GLY G 67 32.69 -2.65 -0.44
N ASN G 68 32.17 -3.10 -1.59
CA ASN G 68 32.74 -2.67 -2.86
C ASN G 68 32.67 -1.15 -3.00
N ALA G 69 31.51 -0.57 -2.68
CA ALA G 69 31.39 0.89 -2.76
C ALA G 69 32.37 1.58 -1.82
N ALA G 70 32.47 1.09 -0.59
CA ALA G 70 33.35 1.72 0.40
C ALA G 70 34.80 1.68 -0.04
N ARG G 71 35.26 0.55 -0.59
CA ARG G 71 36.62 0.49 -1.11
C ARG G 71 36.79 1.43 -2.29
N ASP G 72 35.78 1.54 -3.14
CA ASP G 72 35.88 2.46 -4.28
C ASP G 72 36.05 3.91 -3.82
N ASN G 73 35.52 4.26 -2.64
CA ASN G 73 35.65 5.63 -2.14
C ASN G 73 36.91 5.84 -1.30
N LYS G 74 37.81 4.86 -1.25
CA LYS G 74 39.08 4.98 -0.52
C LYS G 74 38.84 5.15 0.99
N LYS G 75 38.06 4.25 1.55
CA LYS G 75 37.80 4.20 2.98
C LYS G 75 37.89 2.76 3.45
N THR G 76 38.01 2.58 4.77
CA THR G 76 38.07 1.26 5.39
C THR G 76 36.90 1.00 6.34
N ARG G 77 35.89 1.87 6.35
CA ARG G 77 34.69 1.66 7.16
C ARG G 77 33.46 1.97 6.30
N ILE G 78 32.32 1.41 6.72
CA ILE G 78 31.06 1.52 5.98
C ILE G 78 30.15 2.50 6.71
N ILE G 79 29.58 3.43 5.95
CA ILE G 79 28.68 4.46 6.49
C ILE G 79 27.40 4.42 5.67
N PRO G 80 26.30 5.00 6.19
CA PRO G 80 25.01 4.87 5.49
C PRO G 80 25.03 5.33 4.04
N ARG G 81 25.91 6.26 3.67
CA ARG G 81 26.01 6.70 2.28
C ARG G 81 26.35 5.53 1.36
N HIS G 82 27.28 4.68 1.79
CA HIS G 82 27.67 3.52 0.99
C HIS G 82 26.50 2.56 0.82
N LEU G 83 25.74 2.31 1.89
CA LEU G 83 24.56 1.46 1.78
C LEU G 83 23.54 2.04 0.80
N GLN G 84 23.31 3.35 0.88
CA GLN G 84 22.37 4.00 -0.04
C GLN G 84 22.83 3.84 -1.48
N LEU G 85 24.12 4.07 -1.75
CA LEU G 85 24.64 3.92 -3.10
C LEU G 85 24.48 2.49 -3.59
N ALA G 86 24.84 1.52 -2.75
CA ALA G 86 24.77 0.12 -3.15
C ALA G 86 23.34 -0.30 -3.46
N VAL G 87 22.39 0.11 -2.62
CA VAL G 87 20.99 -0.28 -2.85
C VAL G 87 20.44 0.37 -4.10
N ARG G 88 20.67 1.68 -4.27
CA ARG G 88 20.02 2.39 -5.37
C ARG G 88 20.64 2.07 -6.72
N ASN G 89 21.93 1.73 -6.76
CA ASN G 89 22.55 1.43 -8.04
C ASN G 89 22.13 0.05 -8.58
N ASP G 90 21.68 -0.84 -7.71
CA ASP G 90 21.23 -2.16 -8.15
C ASP G 90 19.77 -2.09 -8.64
N GLU G 91 19.33 -3.17 -9.28
CA GLU G 91 17.98 -3.26 -9.84
C GLU G 91 17.04 -4.05 -8.93
N GLU G 92 17.39 -5.30 -8.62
CA GLU G 92 16.52 -6.13 -7.80
C GLU G 92 16.36 -5.55 -6.40
N LEU G 93 17.46 -5.10 -5.80
CA LEU G 93 17.41 -4.51 -4.47
C LEU G 93 16.60 -3.22 -4.46
N ASN G 94 16.75 -2.39 -5.49
CA ASN G 94 15.93 -1.19 -5.59
C ASN G 94 14.46 -1.54 -5.73
N LYS G 95 14.15 -2.62 -6.44
CA LYS G 95 12.77 -3.09 -6.51
C LYS G 95 12.26 -3.51 -5.15
N LEU G 96 13.10 -4.22 -4.38
CA LEU G 96 12.64 -4.76 -3.10
C LEU G 96 12.40 -3.65 -2.08
N LEU G 97 13.37 -2.74 -1.93
CA LEU G 97 13.25 -1.63 -0.97
C LEU G 97 12.73 -0.38 -1.68
N GLY G 98 11.54 -0.50 -2.28
CA GLY G 98 11.01 0.57 -3.08
C GLY G 98 10.40 1.71 -2.30
N ARG G 99 9.96 1.45 -1.07
CA ARG G 99 9.29 2.45 -0.24
C ARG G 99 9.93 2.54 1.14
N VAL G 100 11.26 2.62 1.17
CA VAL G 100 12.01 2.67 2.41
C VAL G 100 12.95 3.88 2.37
N THR G 101 13.01 4.62 3.47
CA THR G 101 13.89 5.76 3.61
C THR G 101 15.06 5.40 4.52
N ILE G 102 16.27 5.72 4.09
CA ILE G 102 17.49 5.47 4.85
C ILE G 102 18.00 6.81 5.36
N ALA G 103 18.15 6.92 6.68
CA ALA G 103 18.62 8.16 7.28
C ALA G 103 20.06 8.46 6.88
N GLN G 104 20.36 9.74 6.68
CA GLN G 104 21.69 10.21 6.30
C GLN G 104 22.18 9.52 5.02
N GLY G 105 21.28 9.36 4.05
CA GLY G 105 21.60 8.66 2.83
C GLY G 105 21.99 9.53 1.66
N GLY G 106 21.19 10.54 1.36
CA GLY G 106 21.42 11.37 0.19
C GLY G 106 20.68 10.86 -1.03
N VAL G 107 21.11 11.34 -2.20
CA VAL G 107 20.50 10.99 -3.47
C VAL G 107 21.58 10.71 -4.50
N LEU G 108 21.18 10.03 -5.59
CA LEU G 108 22.07 9.80 -6.72
C LEU G 108 22.21 11.08 -7.55
N PRO G 109 23.41 11.33 -8.08
CA PRO G 109 23.61 12.55 -8.89
C PRO G 109 23.13 12.32 -10.32
N ASN G 110 22.24 13.18 -10.78
CA ASN G 110 21.80 13.17 -12.18
C ASN G 110 21.17 14.52 -12.50
N ILE G 111 21.36 14.96 -13.74
CA ILE G 111 20.82 16.23 -14.22
C ILE G 111 20.17 15.98 -15.58
N GLN G 112 18.99 16.56 -15.78
CA GLN G 112 18.32 16.44 -17.06
C GLN G 112 19.13 17.12 -18.16
N SER G 113 19.14 16.52 -19.34
CA SER G 113 20.01 16.99 -20.42
C SER G 113 19.56 18.32 -21.01
N VAL G 114 18.29 18.69 -20.85
CA VAL G 114 17.79 19.94 -21.42
C VAL G 114 18.45 21.14 -20.72
N LEU G 115 18.71 21.02 -19.42
CA LEU G 115 19.23 22.13 -18.63
C LEU G 115 20.71 22.41 -18.87
N LEU G 116 21.43 21.50 -19.52
CA LEU G 116 22.86 21.70 -19.73
C LEU G 116 23.12 22.84 -20.70
N PRO G 117 24.20 23.59 -20.51
CA PRO G 117 24.49 24.72 -21.40
C PRO G 117 24.92 24.27 -22.79
N LYS G 118 24.58 25.08 -23.78
CA LYS G 118 25.04 24.88 -25.15
C LYS G 118 24.75 26.12 -26.00
N THR H 29 19.34 -4.32 31.96
CA THR H 29 18.29 -5.07 31.29
C THR H 29 18.79 -5.61 29.95
N ARG H 30 18.50 -6.88 29.67
CA ARG H 30 18.99 -7.53 28.47
C ARG H 30 18.23 -7.05 27.24
N LYS H 31 18.97 -6.83 26.15
CA LYS H 31 18.40 -6.47 24.86
C LYS H 31 19.09 -7.29 23.78
N GLU H 32 18.32 -7.75 22.80
CA GLU H 32 18.82 -8.65 21.77
C GLU H 32 18.90 -7.93 20.42
N SER H 33 19.84 -8.36 19.59
CA SER H 33 20.05 -7.81 18.25
C SER H 33 20.78 -8.86 17.41
N TYR H 34 21.14 -8.48 16.18
CA TYR H 34 21.80 -9.37 15.24
C TYR H 34 23.24 -8.94 14.94
N ALA H 35 23.87 -8.19 15.83
CA ALA H 35 25.16 -7.58 15.53
C ALA H 35 26.25 -8.63 15.28
N ILE H 36 26.30 -9.67 16.12
CA ILE H 36 27.40 -10.64 16.06
C ILE H 36 27.39 -11.36 14.72
N TYR H 37 26.21 -11.82 14.28
CA TYR H 37 26.11 -12.60 13.05
C TYR H 37 26.41 -11.74 11.82
N VAL H 38 25.94 -10.49 11.82
CA VAL H 38 26.27 -9.56 10.74
C VAL H 38 27.78 -9.35 10.66
N TYR H 39 28.42 -9.18 11.82
CA TYR H 39 29.86 -8.99 11.83
C TYR H 39 30.58 -10.23 11.31
N LYS H 40 30.11 -11.41 11.68
CA LYS H 40 30.73 -12.64 11.20
C LYS H 40 30.62 -12.76 9.68
N VAL H 41 29.43 -12.46 9.14
CA VAL H 41 29.24 -12.51 7.68
C VAL H 41 30.14 -11.49 6.99
N LEU H 42 30.24 -10.28 7.57
CA LEU H 42 31.11 -9.26 6.99
C LEU H 42 32.56 -9.71 6.97
N LYS H 43 33.03 -10.32 8.07
CA LYS H 43 34.39 -10.83 8.09
C LYS H 43 34.58 -11.96 7.09
N GLN H 44 33.52 -12.74 6.83
CA GLN H 44 33.61 -13.76 5.80
C GLN H 44 33.78 -13.14 4.41
N VAL H 45 33.02 -12.09 4.11
CA VAL H 45 33.04 -11.52 2.76
C VAL H 45 34.29 -10.68 2.55
N HIS H 46 34.43 -9.59 3.31
CA HIS H 46 35.61 -8.74 3.22
C HIS H 46 36.45 -8.92 4.48
N PRO H 47 37.61 -9.58 4.39
CA PRO H 47 38.35 -9.93 5.62
C PRO H 47 38.77 -8.73 6.46
N ASP H 48 39.09 -7.59 5.83
CA ASP H 48 39.59 -6.41 6.55
C ASP H 48 38.75 -5.20 6.18
N THR H 49 37.61 -5.03 6.87
CA THR H 49 36.74 -3.87 6.66
C THR H 49 35.85 -3.71 7.88
N GLY H 50 35.75 -2.49 8.39
CA GLY H 50 34.96 -2.20 9.57
C GLY H 50 33.55 -1.70 9.24
N ILE H 51 32.85 -1.28 10.28
CA ILE H 51 31.49 -0.74 10.14
C ILE H 51 31.20 0.11 11.36
N SER H 52 30.41 1.17 11.15
CA SER H 52 30.01 2.06 12.24
C SER H 52 28.69 1.61 12.85
N SER H 53 28.24 2.35 13.88
CA SER H 53 27.06 1.95 14.64
C SER H 53 25.76 2.22 13.88
N LYS H 54 25.69 3.33 13.15
CA LYS H 54 24.48 3.68 12.43
C LYS H 54 24.16 2.63 11.36
N ALA H 55 25.18 2.18 10.63
CA ALA H 55 24.98 1.13 9.64
C ALA H 55 24.51 -0.16 10.31
N MET H 56 25.01 -0.45 11.50
CA MET H 56 24.56 -1.62 12.24
C MET H 56 23.07 -1.52 12.57
N SER H 57 22.63 -0.34 13.02
CA SER H 57 21.22 -0.15 13.30
C SER H 57 20.38 -0.35 12.03
N ILE H 58 20.85 0.18 10.90
CA ILE H 58 20.12 0.02 9.65
C ILE H 58 20.01 -1.45 9.25
N MET H 59 21.12 -2.20 9.39
CA MET H 59 21.09 -3.63 9.07
C MET H 59 20.11 -4.38 9.97
N ASN H 60 20.10 -4.05 11.27
CA ASN H 60 19.16 -4.70 12.19
C ASN H 60 17.72 -4.47 11.76
N SER H 61 17.40 -3.22 11.43
CA SER H 61 16.04 -2.90 10.98
C SER H 61 15.69 -3.68 9.72
N PHE H 62 16.62 -3.78 8.77
CA PHE H 62 16.38 -4.50 7.53
C PHE H 62 16.04 -5.97 7.80
N VAL H 63 16.83 -6.62 8.66
CA VAL H 63 16.60 -8.03 8.97
C VAL H 63 15.23 -8.22 9.59
N ASN H 64 14.88 -7.36 10.57
CA ASN H 64 13.58 -7.49 11.21
C ASN H 64 12.44 -7.32 10.21
N ASP H 65 12.55 -6.34 9.30
CA ASP H 65 11.49 -6.11 8.32
C ASP H 65 11.27 -7.33 7.43
N VAL H 66 12.36 -7.90 6.90
CA VAL H 66 12.21 -9.05 6.01
C VAL H 66 11.60 -10.24 6.76
N PHE H 67 12.06 -10.48 7.99
CA PHE H 67 11.49 -11.56 8.80
C PHE H 67 9.98 -11.39 8.94
N GLU H 68 9.53 -10.18 9.30
CA GLU H 68 8.11 -9.96 9.52
C GLU H 68 7.31 -10.22 8.25
N ARG H 69 7.79 -9.71 7.11
CA ARG H 69 7.06 -9.90 5.86
C ARG H 69 6.86 -11.39 5.57
N ILE H 70 7.96 -12.16 5.60
CA ILE H 70 7.87 -13.57 5.22
C ILE H 70 6.95 -14.32 6.18
N ALA H 71 7.07 -14.05 7.49
CA ALA H 71 6.24 -14.77 8.46
C ALA H 71 4.77 -14.48 8.25
N GLY H 72 4.40 -13.22 8.03
CA GLY H 72 2.99 -12.90 7.80
C GLY H 72 2.44 -13.56 6.56
N GLU H 73 3.20 -13.54 5.46
CA GLU H 73 2.72 -14.18 4.24
C GLU H 73 2.51 -15.67 4.45
N ALA H 74 3.44 -16.33 5.14
CA ALA H 74 3.29 -17.76 5.38
C ALA H 74 2.07 -18.05 6.24
N SER H 75 1.83 -17.22 7.25
CA SER H 75 0.65 -17.42 8.11
C SER H 75 -0.64 -17.34 7.30
N ARG H 76 -0.77 -16.31 6.47
CA ARG H 76 -1.98 -16.20 5.64
C ARG H 76 -2.12 -17.39 4.70
N LEU H 77 -1.01 -17.81 4.09
CA LEU H 77 -1.05 -18.92 3.15
C LEU H 77 -1.52 -20.21 3.84
N ALA H 78 -1.05 -20.44 5.07
CA ALA H 78 -1.50 -21.62 5.81
C ALA H 78 -2.98 -21.52 6.15
N HIS H 79 -3.47 -20.30 6.47
CA HIS H 79 -4.87 -20.17 6.83
C HIS H 79 -5.81 -20.46 5.67
N TYR H 80 -5.40 -20.14 4.43
CA TYR H 80 -6.30 -20.31 3.30
C TYR H 80 -6.67 -21.78 3.08
N ASN H 81 -5.75 -22.70 3.34
CA ASN H 81 -5.94 -24.11 3.00
C ASN H 81 -6.45 -24.95 4.16
N LYS H 82 -6.85 -24.33 5.27
CA LYS H 82 -7.41 -25.02 6.43
C LYS H 82 -6.39 -26.01 7.03
N ARG H 83 -5.23 -25.47 7.37
CA ARG H 83 -4.19 -26.21 8.06
C ARG H 83 -3.83 -25.46 9.34
N SER H 84 -3.14 -26.16 10.24
CA SER H 84 -2.75 -25.61 11.53
C SER H 84 -1.27 -25.80 11.80
N THR H 85 -0.46 -25.91 10.75
CA THR H 85 0.97 -26.09 10.88
C THR H 85 1.69 -25.28 9.82
N ILE H 86 2.89 -24.80 10.15
CA ILE H 86 3.75 -24.08 9.23
C ILE H 86 4.96 -24.96 8.94
N THR H 87 5.19 -25.26 7.67
CA THR H 87 6.27 -26.15 7.26
C THR H 87 7.16 -25.49 6.23
N SER H 88 8.06 -26.26 5.62
CA SER H 88 9.00 -25.71 4.65
C SER H 88 8.30 -25.26 3.37
N ARG H 89 7.21 -25.93 2.99
CA ARG H 89 6.51 -25.58 1.75
C ARG H 89 5.93 -24.18 1.82
N GLU H 90 5.34 -23.81 2.97
CA GLU H 90 4.83 -22.46 3.13
C GLU H 90 5.94 -21.42 3.00
N ILE H 91 7.09 -21.68 3.61
CA ILE H 91 8.21 -20.74 3.52
C ILE H 91 8.67 -20.60 2.08
N GLN H 92 8.78 -21.73 1.36
CA GLN H 92 9.22 -21.69 -0.03
C GLN H 92 8.25 -20.91 -0.90
N THR H 93 6.95 -21.17 -0.75
CA THR H 93 5.96 -20.45 -1.55
C THR H 93 5.94 -18.96 -1.22
N ALA H 94 6.08 -18.61 0.06
CA ALA H 94 6.15 -17.21 0.44
C ALA H 94 7.37 -16.53 -0.16
N VAL H 95 8.52 -17.20 -0.16
CA VAL H 95 9.72 -16.65 -0.77
C VAL H 95 9.51 -16.43 -2.26
N ARG H 96 8.89 -17.40 -2.93
CA ARG H 96 8.61 -17.23 -4.36
C ARG H 96 7.66 -16.07 -4.61
N LEU H 97 6.69 -15.86 -3.71
CA LEU H 97 5.75 -14.76 -3.89
C LEU H 97 6.39 -13.40 -3.62
N LEU H 98 7.32 -13.32 -2.68
CA LEU H 98 7.84 -12.02 -2.26
C LEU H 98 8.96 -11.51 -3.17
N LEU H 99 10.05 -12.27 -3.29
CA LEU H 99 11.25 -11.78 -3.93
C LEU H 99 11.11 -11.76 -5.46
N PRO H 100 11.77 -10.79 -6.13
CA PRO H 100 11.73 -10.75 -7.60
C PRO H 100 12.93 -11.39 -8.27
N GLY H 101 12.70 -12.02 -9.43
CA GLY H 101 13.81 -12.39 -10.31
C GLY H 101 14.72 -13.47 -9.75
N GLU H 102 16.03 -13.27 -9.94
CA GLU H 102 17.03 -14.27 -9.59
C GLU H 102 17.19 -14.43 -8.08
N LEU H 103 16.82 -13.41 -7.29
CA LEU H 103 16.92 -13.53 -5.84
C LEU H 103 16.12 -14.70 -5.32
N ALA H 104 14.91 -14.88 -5.84
CA ALA H 104 14.07 -16.01 -5.42
C ALA H 104 14.74 -17.34 -5.76
N LYS H 105 15.31 -17.45 -6.96
CA LYS H 105 15.95 -18.70 -7.37
C LYS H 105 17.12 -19.05 -6.46
N HIS H 106 18.02 -18.08 -6.24
CA HIS H 106 19.18 -18.36 -5.41
C HIS H 106 18.78 -18.64 -3.96
N ALA H 107 17.79 -17.91 -3.44
CA ALA H 107 17.32 -18.17 -2.07
C ALA H 107 16.72 -19.56 -1.93
N VAL H 108 15.93 -19.98 -2.92
CA VAL H 108 15.35 -21.33 -2.89
C VAL H 108 16.45 -22.38 -2.89
N SER H 109 17.46 -22.20 -3.75
CA SER H 109 18.56 -23.17 -3.79
C SER H 109 19.26 -23.25 -2.44
N GLU H 110 19.56 -22.09 -1.84
CA GLU H 110 20.26 -22.07 -0.56
C GLU H 110 19.45 -22.76 0.53
N GLY H 111 18.15 -22.45 0.61
CA GLY H 111 17.31 -23.06 1.63
C GLY H 111 17.20 -24.57 1.47
N THR H 112 17.01 -25.04 0.24
CA THR H 112 16.93 -26.48 0.00
C THR H 112 18.22 -27.17 0.39
N LYS H 113 19.36 -26.59 0.02
CA LYS H 113 20.64 -27.20 0.39
C LYS H 113 20.81 -27.26 1.91
N ALA H 114 20.44 -26.18 2.60
CA ALA H 114 20.58 -26.16 4.05
C ALA H 114 19.71 -27.23 4.71
N VAL H 115 18.46 -27.35 4.28
CA VAL H 115 17.58 -28.36 4.87
C VAL H 115 18.09 -29.76 4.60
N THR H 116 18.52 -30.02 3.35
CA THR H 116 19.05 -31.34 3.02
C THR H 116 20.26 -31.69 3.86
N LYS H 117 21.17 -30.73 4.05
CA LYS H 117 22.34 -31.00 4.89
C LYS H 117 21.93 -31.25 6.34
N TYR H 118 20.97 -30.49 6.85
CA TYR H 118 20.56 -30.64 8.24
C TYR H 118 19.94 -32.01 8.49
N THR H 119 19.10 -32.49 7.57
CA THR H 119 18.40 -33.76 7.78
C THR H 119 19.37 -34.93 7.86
N SER H 120 20.43 -34.91 7.05
CA SER H 120 21.37 -36.03 7.00
C SER H 120 22.04 -36.25 8.36
N ALA H 121 22.47 -35.17 9.02
CA ALA H 121 23.14 -35.28 10.31
C ALA H 121 22.14 -35.31 11.46
#